data_1YBR
# 
_entry.id   1YBR 
# 
_audit_conform.dict_name       mmcif_pdbx.dic 
_audit_conform.dict_version    5.391 
_audit_conform.dict_location   http://mmcif.pdb.org/dictionaries/ascii/mmcif_pdbx.dic 
# 
loop_
_database_2.database_id 
_database_2.database_code 
_database_2.pdbx_database_accession 
_database_2.pdbx_DOI 
PDB   1YBR         pdb_00001ybr 10.2210/pdb1ybr/pdb 
RCSB  RCSB031353   ?            ?                   
WWPDB D_1000031353 ?            ?                   
# 
loop_
_pdbx_audit_revision_history.ordinal 
_pdbx_audit_revision_history.data_content_type 
_pdbx_audit_revision_history.major_revision 
_pdbx_audit_revision_history.minor_revision 
_pdbx_audit_revision_history.revision_date 
1 'Structure model' 1 0 2005-01-11 
2 'Structure model' 1 1 2008-04-30 
3 'Structure model' 1 2 2011-07-13 
4 'Structure model' 1 3 2018-06-06 
5 'Structure model' 1 4 2024-05-01 
# 
_pdbx_audit_revision_details.ordinal             1 
_pdbx_audit_revision_details.revision_ordinal    1 
_pdbx_audit_revision_details.data_content_type   'Structure model' 
_pdbx_audit_revision_details.provider            repository 
_pdbx_audit_revision_details.type                'Initial release' 
_pdbx_audit_revision_details.description         ? 
_pdbx_audit_revision_details.details             ? 
# 
loop_
_pdbx_audit_revision_group.ordinal 
_pdbx_audit_revision_group.revision_ordinal 
_pdbx_audit_revision_group.data_content_type 
_pdbx_audit_revision_group.group 
1 2 'Structure model' 'Version format compliance' 
2 3 'Structure model' 'Version format compliance' 
3 4 'Structure model' 'Data collection'           
4 4 'Structure model' 'Derived calculations'      
5 4 'Structure model' 'Experimental preparation'  
6 4 'Structure model' 'Source and taxonomy'       
7 5 'Structure model' 'Data collection'           
8 5 'Structure model' 'Database references'       
# 
loop_
_pdbx_audit_revision_category.ordinal 
_pdbx_audit_revision_category.revision_ordinal 
_pdbx_audit_revision_category.data_content_type 
_pdbx_audit_revision_category.category 
1  4 'Structure model' ndb_struct_conf_na               
2  4 'Structure model' ndb_struct_na_base_pair_step     
3  4 'Structure model' pdbx_entity_src_syn              
4  4 'Structure model' pdbx_nmr_exptl_sample_conditions 
5  4 'Structure model' pdbx_struct_assembly             
6  4 'Structure model' pdbx_struct_assembly_prop        
7  4 'Structure model' pdbx_struct_oper_list            
8  5 'Structure model' chem_comp_atom                   
9  5 'Structure model' chem_comp_bond                   
10 5 'Structure model' database_2                       
# 
loop_
_pdbx_audit_revision_item.ordinal 
_pdbx_audit_revision_item.revision_ordinal 
_pdbx_audit_revision_item.data_content_type 
_pdbx_audit_revision_item.item 
1 4 'Structure model' '_ndb_struct_na_base_pair_step.roll'            
2 4 'Structure model' '_ndb_struct_na_base_pair_step.twist'           
3 4 'Structure model' '_pdbx_nmr_exptl_sample_conditions.temperature' 
4 5 'Structure model' '_database_2.pdbx_DOI'                          
5 5 'Structure model' '_database_2.pdbx_database_accession'           
# 
_pdbx_database_status.entry_id                        1YBR 
_pdbx_database_status.status_code                     REL 
_pdbx_database_status.recvd_initial_deposition_date   2004-12-21 
_pdbx_database_status.deposit_site                    RCSB 
_pdbx_database_status.process_site                    RCSB 
_pdbx_database_status.status_code_sf                  ? 
_pdbx_database_status.status_code_mr                  REL 
_pdbx_database_status.SG_entry                        N 
_pdbx_database_status.pdb_format_compatible           Y 
_pdbx_database_status.status_code_cs                  ? 
_pdbx_database_status.methods_development_category    ? 
_pdbx_database_status.status_code_nmr_data            ? 
# 
loop_
_pdbx_database_related.db_name 
_pdbx_database_related.db_id 
_pdbx_database_related.details 
_pdbx_database_related.content_type 
PDB 294D 'The X-ray structure of the same i-motif tetramer' unspecified 
PDB 1YBL 'i-motif, different sequence'                      unspecified 
PDB 1YBN 'i-motif, distinct topology, same sequence'        unspecified 
# 
loop_
_audit_author.name 
_audit_author.pdbx_ordinal 
'Esmaili, N.'  1 
'Leroy, J.-L.' 2 
# 
_citation.id                        primary 
_citation.title                     
'i-motif solution structure and dynamics of the d(AACCCC) and d(CCCCAA) tetrahymena telomeric repeats' 
_citation.journal_abbrev            'Nucleic Acids Res.' 
_citation.journal_volume            33 
_citation.page_first                213 
_citation.page_last                 224 
_citation.year                      2005 
_citation.journal_id_ASTM           NARHAD 
_citation.country                   UK 
_citation.journal_id_ISSN           0305-1048 
_citation.journal_id_CSD            0389 
_citation.book_publisher            ? 
_citation.pdbx_database_id_PubMed   15647504 
_citation.pdbx_database_id_DOI      10.1093/nar/gki160 
# 
loop_
_citation_author.citation_id 
_citation_author.name 
_citation_author.ordinal 
_citation_author.identifier_ORCID 
primary 'Esmaili, N.'  1 ? 
primary 'Leroy, J.-L.' 2 ? 
# 
_entity.id                         1 
_entity.type                       polymer 
_entity.src_method                 syn 
_entity.pdbx_description           "5'-D(*CP*CP*CP*CP*AP*A)-3'" 
_entity.formula_weight             1738.183 
_entity.pdbx_number_of_molecules   4 
_entity.pdbx_ec                    ? 
_entity.pdbx_mutation              ? 
_entity.pdbx_fragment              ? 
_entity.details                    'i-motif with a distinct topology' 
# 
_entity_poly.entity_id                      1 
_entity_poly.type                           polydeoxyribonucleotide 
_entity_poly.nstd_linkage                   no 
_entity_poly.nstd_monomer                   no 
_entity_poly.pdbx_seq_one_letter_code       '(DC)(DC)(DC)(DC)(DA)(DA)' 
_entity_poly.pdbx_seq_one_letter_code_can   CCCCAA 
_entity_poly.pdbx_strand_id                 A,B,C,D 
_entity_poly.pdbx_target_identifier         ? 
# 
loop_
_entity_poly_seq.entity_id 
_entity_poly_seq.num 
_entity_poly_seq.mon_id 
_entity_poly_seq.hetero 
1 1 DC n 
1 2 DC n 
1 3 DC n 
1 4 DC n 
1 5 DA n 
1 6 DA n 
# 
_pdbx_entity_src_syn.entity_id              1 
_pdbx_entity_src_syn.pdbx_src_id            1 
_pdbx_entity_src_syn.pdbx_alt_source_flag   sample 
_pdbx_entity_src_syn.pdbx_beg_seq_num       ? 
_pdbx_entity_src_syn.pdbx_end_seq_num       ? 
_pdbx_entity_src_syn.organism_scientific    'synthetic construct' 
_pdbx_entity_src_syn.organism_common_name   ? 
_pdbx_entity_src_syn.ncbi_taxonomy_id       32630 
_pdbx_entity_src_syn.details                ? 
# 
loop_
_chem_comp.id 
_chem_comp.type 
_chem_comp.mon_nstd_flag 
_chem_comp.name 
_chem_comp.pdbx_synonyms 
_chem_comp.formula 
_chem_comp.formula_weight 
DA 'DNA linking' y "2'-DEOXYADENOSINE-5'-MONOPHOSPHATE" ? 'C10 H14 N5 O6 P' 331.222 
DC 'DNA linking' y "2'-DEOXYCYTIDINE-5'-MONOPHOSPHATE"  ? 'C9 H14 N3 O7 P'  307.197 
# 
loop_
_pdbx_poly_seq_scheme.asym_id 
_pdbx_poly_seq_scheme.entity_id 
_pdbx_poly_seq_scheme.seq_id 
_pdbx_poly_seq_scheme.mon_id 
_pdbx_poly_seq_scheme.ndb_seq_num 
_pdbx_poly_seq_scheme.pdb_seq_num 
_pdbx_poly_seq_scheme.auth_seq_num 
_pdbx_poly_seq_scheme.pdb_mon_id 
_pdbx_poly_seq_scheme.auth_mon_id 
_pdbx_poly_seq_scheme.pdb_strand_id 
_pdbx_poly_seq_scheme.pdb_ins_code 
_pdbx_poly_seq_scheme.hetero 
A 1 1 DC 1 1 1 DC C A . n 
A 1 2 DC 2 2 2 DC C A . n 
A 1 3 DC 3 3 3 DC C A . n 
A 1 4 DC 4 4 4 DC C A . n 
A 1 5 DA 5 5 5 DA A A . n 
A 1 6 DA 6 6 6 DA A A . n 
B 1 1 DC 1 1 1 DC C B . n 
B 1 2 DC 2 2 2 DC C B . n 
B 1 3 DC 3 3 3 DC C B . n 
B 1 4 DC 4 4 4 DC C B . n 
B 1 5 DA 5 5 5 DA A B . n 
B 1 6 DA 6 6 6 DA A B . n 
C 1 1 DC 1 1 1 DC C C . n 
C 1 2 DC 2 2 2 DC C C . n 
C 1 3 DC 3 3 3 DC C C . n 
C 1 4 DC 4 4 4 DC C C . n 
C 1 5 DA 5 5 5 DA A C . n 
C 1 6 DA 6 6 6 DA A C . n 
D 1 1 DC 1 1 1 DC C D . n 
D 1 2 DC 2 2 2 DC C D . n 
D 1 3 DC 3 3 3 DC C D . n 
D 1 4 DC 4 4 4 DC C D . n 
D 1 5 DA 5 5 5 DA A D . n 
D 1 6 DA 6 6 6 DA A D . n 
# 
_exptl.entry_id          1YBR 
_exptl.method            'SOLUTION NMR' 
_exptl.crystals_number   ? 
# 
_struct.entry_id                  1YBR 
_struct.title                     
;Solution structure of the 5'E topology of the i-motif tetramer of d(CCCCAA)
;
_struct.pdbx_model_details        ? 
_struct.pdbx_CASP_flag            ? 
_struct.pdbx_model_type_details   ? 
# 
_struct_keywords.entry_id        1YBR 
_struct_keywords.pdbx_keywords   DNA 
_struct_keywords.text            'DNA; i-motif; hemiprotonated cytidine; tetrahymena; telomer, DNA' 
# 
loop_
_struct_asym.id 
_struct_asym.pdbx_blank_PDB_chainid_flag 
_struct_asym.pdbx_modified 
_struct_asym.entity_id 
_struct_asym.details 
A N N 1 ? 
B N N 1 ? 
C N N 1 ? 
D N N 1 ? 
# 
_struct_ref.id                         1 
_struct_ref.entity_id                  1 
_struct_ref.db_name                    PDB 
_struct_ref.db_code                    1YBR 
_struct_ref.pdbx_db_accession          1YBR 
_struct_ref.pdbx_db_isoform            ? 
_struct_ref.pdbx_seq_one_letter_code   ? 
_struct_ref.pdbx_align_begin           ? 
# 
loop_
_struct_ref_seq.align_id 
_struct_ref_seq.ref_id 
_struct_ref_seq.pdbx_PDB_id_code 
_struct_ref_seq.pdbx_strand_id 
_struct_ref_seq.seq_align_beg 
_struct_ref_seq.pdbx_seq_align_beg_ins_code 
_struct_ref_seq.seq_align_end 
_struct_ref_seq.pdbx_seq_align_end_ins_code 
_struct_ref_seq.pdbx_db_accession 
_struct_ref_seq.db_align_beg 
_struct_ref_seq.pdbx_db_align_beg_ins_code 
_struct_ref_seq.db_align_end 
_struct_ref_seq.pdbx_db_align_end_ins_code 
_struct_ref_seq.pdbx_auth_seq_align_beg 
_struct_ref_seq.pdbx_auth_seq_align_end 
1 1 1YBR A 1 ? 6 ? 1YBR 1 ? 6 ? 1 6 
2 1 1YBR B 1 ? 6 ? 1YBR 1 ? 6 ? 1 6 
3 1 1YBR C 1 ? 6 ? 1YBR 1 ? 6 ? 1 6 
4 1 1YBR D 1 ? 6 ? 1YBR 1 ? 6 ? 1 6 
# 
_pdbx_struct_assembly.id                   1 
_pdbx_struct_assembly.details              author_defined_assembly 
_pdbx_struct_assembly.method_details       ? 
_pdbx_struct_assembly.oligomeric_details   tetrameric 
_pdbx_struct_assembly.oligomeric_count     4 
# 
loop_
_pdbx_struct_assembly_prop.biol_id 
_pdbx_struct_assembly_prop.type 
_pdbx_struct_assembly_prop.value 
_pdbx_struct_assembly_prop.details 
1 'ABSA (A^2)' 5040 ? 
1 MORE         11   ? 
1 'SSA (A^2)'  2260 ? 
# 
_pdbx_struct_assembly_gen.assembly_id       1 
_pdbx_struct_assembly_gen.oper_expression   1 
_pdbx_struct_assembly_gen.asym_id_list      A,B,C,D 
# 
_pdbx_struct_oper_list.id                   1 
_pdbx_struct_oper_list.type                 'identity operation' 
_pdbx_struct_oper_list.name                 1_555 
_pdbx_struct_oper_list.symmetry_operation   ? 
_pdbx_struct_oper_list.matrix[1][1]         1.0000000000 
_pdbx_struct_oper_list.matrix[1][2]         0.0000000000 
_pdbx_struct_oper_list.matrix[1][3]         0.0000000000 
_pdbx_struct_oper_list.vector[1]            0.0000000000 
_pdbx_struct_oper_list.matrix[2][1]         0.0000000000 
_pdbx_struct_oper_list.matrix[2][2]         1.0000000000 
_pdbx_struct_oper_list.matrix[2][3]         0.0000000000 
_pdbx_struct_oper_list.vector[2]            0.0000000000 
_pdbx_struct_oper_list.matrix[3][1]         0.0000000000 
_pdbx_struct_oper_list.matrix[3][2]         0.0000000000 
_pdbx_struct_oper_list.matrix[3][3]         1.0000000000 
_pdbx_struct_oper_list.vector[3]            0.0000000000 
# 
loop_
_struct_conn.id 
_struct_conn.conn_type_id 
_struct_conn.pdbx_leaving_atom_flag 
_struct_conn.pdbx_PDB_id 
_struct_conn.ptnr1_label_asym_id 
_struct_conn.ptnr1_label_comp_id 
_struct_conn.ptnr1_label_seq_id 
_struct_conn.ptnr1_label_atom_id 
_struct_conn.pdbx_ptnr1_label_alt_id 
_struct_conn.pdbx_ptnr1_PDB_ins_code 
_struct_conn.pdbx_ptnr1_standard_comp_id 
_struct_conn.ptnr1_symmetry 
_struct_conn.ptnr2_label_asym_id 
_struct_conn.ptnr2_label_comp_id 
_struct_conn.ptnr2_label_seq_id 
_struct_conn.ptnr2_label_atom_id 
_struct_conn.pdbx_ptnr2_label_alt_id 
_struct_conn.pdbx_ptnr2_PDB_ins_code 
_struct_conn.ptnr1_auth_asym_id 
_struct_conn.ptnr1_auth_comp_id 
_struct_conn.ptnr1_auth_seq_id 
_struct_conn.ptnr2_auth_asym_id 
_struct_conn.ptnr2_auth_comp_id 
_struct_conn.ptnr2_auth_seq_id 
_struct_conn.ptnr2_symmetry 
_struct_conn.pdbx_ptnr3_label_atom_id 
_struct_conn.pdbx_ptnr3_label_seq_id 
_struct_conn.pdbx_ptnr3_label_comp_id 
_struct_conn.pdbx_ptnr3_label_asym_id 
_struct_conn.pdbx_ptnr3_label_alt_id 
_struct_conn.pdbx_ptnr3_PDB_ins_code 
_struct_conn.details 
_struct_conn.pdbx_dist_value 
_struct_conn.pdbx_value_order 
_struct_conn.pdbx_role 
hydrog1  hydrog ? ? A DC 1 N4 ? ? ? 1_555 C DC 1 O2 ? ? A DC 1 C DC 1 1_555 ? ? ? ? ? ? TYPE_15_PAIR ? ? ? 
hydrog2  hydrog ? ? A DC 1 O2 ? ? ? 1_555 C DC 1 N4 ? ? A DC 1 C DC 1 1_555 ? ? ? ? ? ? TYPE_15_PAIR ? ? ? 
hydrog3  hydrog ? ? A DC 2 N4 ? ? ? 1_555 C DC 2 O2 ? ? A DC 2 C DC 2 1_555 ? ? ? ? ? ? TYPE_15_PAIR ? ? ? 
hydrog4  hydrog ? ? A DC 2 O2 ? ? ? 1_555 C DC 2 N4 ? ? A DC 2 C DC 2 1_555 ? ? ? ? ? ? TYPE_15_PAIR ? ? ? 
hydrog5  hydrog ? ? A DC 3 N4 ? ? ? 1_555 C DC 3 O2 ? ? A DC 3 C DC 3 1_555 ? ? ? ? ? ? TYPE_15_PAIR ? ? ? 
hydrog6  hydrog ? ? A DC 3 O2 ? ? ? 1_555 C DC 3 N4 ? ? A DC 3 C DC 3 1_555 ? ? ? ? ? ? TYPE_15_PAIR ? ? ? 
hydrog7  hydrog ? ? A DC 4 N4 ? ? ? 1_555 C DC 4 O2 ? ? A DC 4 C DC 4 1_555 ? ? ? ? ? ? TYPE_15_PAIR ? ? ? 
hydrog8  hydrog ? ? A DC 4 O2 ? ? ? 1_555 C DC 4 N4 ? ? A DC 4 C DC 4 1_555 ? ? ? ? ? ? TYPE_15_PAIR ? ? ? 
hydrog9  hydrog ? ? A DA 5 N1 ? ? ? 1_555 C DA 5 N6 ? ? A DA 5 C DA 5 1_555 ? ? ? ? ? ? TYPE_1_PAIR  ? ? ? 
hydrog10 hydrog ? ? A DA 5 N6 ? ? ? 1_555 C DA 5 N1 ? ? A DA 5 C DA 5 1_555 ? ? ? ? ? ? TYPE_1_PAIR  ? ? ? 
hydrog11 hydrog ? ? B DC 1 N4 ? ? ? 1_555 D DC 1 O2 ? ? B DC 1 D DC 1 1_555 ? ? ? ? ? ? TYPE_15_PAIR ? ? ? 
hydrog12 hydrog ? ? B DC 1 O2 ? ? ? 1_555 D DC 1 N4 ? ? B DC 1 D DC 1 1_555 ? ? ? ? ? ? TYPE_15_PAIR ? ? ? 
hydrog13 hydrog ? ? B DC 2 N4 ? ? ? 1_555 D DC 2 O2 ? ? B DC 2 D DC 2 1_555 ? ? ? ? ? ? TYPE_15_PAIR ? ? ? 
hydrog14 hydrog ? ? B DC 2 O2 ? ? ? 1_555 D DC 2 N4 ? ? B DC 2 D DC 2 1_555 ? ? ? ? ? ? TYPE_15_PAIR ? ? ? 
hydrog15 hydrog ? ? B DC 3 N4 ? ? ? 1_555 D DC 3 O2 ? ? B DC 3 D DC 3 1_555 ? ? ? ? ? ? TYPE_15_PAIR ? ? ? 
hydrog16 hydrog ? ? B DC 3 O2 ? ? ? 1_555 D DC 3 N4 ? ? B DC 3 D DC 3 1_555 ? ? ? ? ? ? TYPE_15_PAIR ? ? ? 
hydrog17 hydrog ? ? B DC 4 N4 ? ? ? 1_555 D DC 4 O2 ? ? B DC 4 D DC 4 1_555 ? ? ? ? ? ? TYPE_15_PAIR ? ? ? 
hydrog18 hydrog ? ? B DC 4 O2 ? ? ? 1_555 D DC 4 N4 ? ? B DC 4 D DC 4 1_555 ? ? ? ? ? ? TYPE_15_PAIR ? ? ? 
hydrog19 hydrog ? ? B DA 5 N1 ? ? ? 1_555 D DA 5 N6 ? ? B DA 5 D DA 5 1_555 ? ? ? ? ? ? TYPE_1_PAIR  ? ? ? 
hydrog20 hydrog ? ? B DA 5 N6 ? ? ? 1_555 D DA 5 N1 ? ? B DA 5 D DA 5 1_555 ? ? ? ? ? ? TYPE_1_PAIR  ? ? ? 
# 
_struct_conn_type.id          hydrog 
_struct_conn_type.criteria    ? 
_struct_conn_type.reference   ? 
# 
loop_
_pdbx_validate_rmsd_angle.id 
_pdbx_validate_rmsd_angle.PDB_model_num 
_pdbx_validate_rmsd_angle.auth_atom_id_1 
_pdbx_validate_rmsd_angle.auth_asym_id_1 
_pdbx_validate_rmsd_angle.auth_comp_id_1 
_pdbx_validate_rmsd_angle.auth_seq_id_1 
_pdbx_validate_rmsd_angle.PDB_ins_code_1 
_pdbx_validate_rmsd_angle.label_alt_id_1 
_pdbx_validate_rmsd_angle.auth_atom_id_2 
_pdbx_validate_rmsd_angle.auth_asym_id_2 
_pdbx_validate_rmsd_angle.auth_comp_id_2 
_pdbx_validate_rmsd_angle.auth_seq_id_2 
_pdbx_validate_rmsd_angle.PDB_ins_code_2 
_pdbx_validate_rmsd_angle.label_alt_id_2 
_pdbx_validate_rmsd_angle.auth_atom_id_3 
_pdbx_validate_rmsd_angle.auth_asym_id_3 
_pdbx_validate_rmsd_angle.auth_comp_id_3 
_pdbx_validate_rmsd_angle.auth_seq_id_3 
_pdbx_validate_rmsd_angle.PDB_ins_code_3 
_pdbx_validate_rmsd_angle.label_alt_id_3 
_pdbx_validate_rmsd_angle.angle_value 
_pdbx_validate_rmsd_angle.angle_target_value 
_pdbx_validate_rmsd_angle.angle_deviation 
_pdbx_validate_rmsd_angle.angle_standard_deviation 
_pdbx_validate_rmsd_angle.linker_flag 
1  1 "O4'" A DC 1 ? ? "C1'" A DC 1 ? ? N1 A DC 1 ? ? 110.32 108.30 2.02 0.30 N 
2  1 "O4'" A DC 2 ? ? "C1'" A DC 2 ? ? N1 A DC 2 ? ? 110.90 108.30 2.60 0.30 N 
3  1 "O4'" A DC 3 ? ? "C1'" A DC 3 ? ? N1 A DC 3 ? ? 110.96 108.30 2.66 0.30 N 
4  1 "O4'" A DC 4 ? ? "C1'" A DC 4 ? ? N1 A DC 4 ? ? 110.19 108.30 1.89 0.30 N 
5  1 "O4'" A DA 5 ? ? "C1'" A DA 5 ? ? N9 A DA 5 ? ? 110.96 108.30 2.66 0.30 N 
6  1 N7    A DA 5 ? ? C8    A DA 5 ? ? N9 A DA 5 ? ? 117.59 113.80 3.79 0.50 N 
7  1 "O4'" A DA 6 ? ? "C1'" A DA 6 ? ? N9 A DA 6 ? ? 110.92 108.30 2.62 0.30 N 
8  1 N7    A DA 6 ? ? C8    A DA 6 ? ? N9 A DA 6 ? ? 117.35 113.80 3.55 0.50 N 
9  1 "O4'" B DC 1 ? ? "C1'" B DC 1 ? ? N1 B DC 1 ? ? 110.39 108.30 2.09 0.30 N 
10 1 "O4'" B DC 2 ? ? "C1'" B DC 2 ? ? N1 B DC 2 ? ? 110.93 108.30 2.63 0.30 N 
11 1 "O4'" B DC 3 ? ? "C1'" B DC 3 ? ? N1 B DC 3 ? ? 110.92 108.30 2.62 0.30 N 
12 1 "O4'" B DC 4 ? ? "C1'" B DC 4 ? ? N1 B DC 4 ? ? 110.23 108.30 1.93 0.30 N 
13 1 "O4'" B DA 5 ? ? "C1'" B DA 5 ? ? N9 B DA 5 ? ? 110.97 108.30 2.67 0.30 N 
14 1 N7    B DA 5 ? ? C8    B DA 5 ? ? N9 B DA 5 ? ? 117.58 113.80 3.78 0.50 N 
15 1 "O4'" B DA 6 ? ? "C1'" B DA 6 ? ? N9 B DA 6 ? ? 110.98 108.30 2.68 0.30 N 
16 1 N7    B DA 6 ? ? C8    B DA 6 ? ? N9 B DA 6 ? ? 117.32 113.80 3.52 0.50 N 
17 1 "O4'" C DC 1 ? ? "C1'" C DC 1 ? ? N1 C DC 1 ? ? 110.31 108.30 2.01 0.30 N 
18 1 "O4'" C DC 2 ? ? "C1'" C DC 2 ? ? N1 C DC 2 ? ? 110.97 108.30 2.67 0.30 N 
19 1 "O4'" C DC 3 ? ? "C1'" C DC 3 ? ? N1 C DC 3 ? ? 110.94 108.30 2.64 0.30 N 
20 1 "O4'" C DC 4 ? ? "C1'" C DC 4 ? ? N1 C DC 4 ? ? 110.24 108.30 1.94 0.30 N 
21 1 "O4'" C DA 5 ? ? "C1'" C DA 5 ? ? N9 C DA 5 ? ? 110.98 108.30 2.68 0.30 N 
22 1 N7    C DA 5 ? ? C8    C DA 5 ? ? N9 C DA 5 ? ? 117.63 113.80 3.83 0.50 N 
23 1 "O4'" C DA 6 ? ? "C1'" C DA 6 ? ? N9 C DA 6 ? ? 110.96 108.30 2.66 0.30 N 
24 1 N7    C DA 6 ? ? C8    C DA 6 ? ? N9 C DA 6 ? ? 117.31 113.80 3.51 0.50 N 
25 1 "O4'" D DC 1 ? ? "C1'" D DC 1 ? ? N1 D DC 1 ? ? 110.37 108.30 2.07 0.30 N 
26 1 "O4'" D DC 2 ? ? "C1'" D DC 2 ? ? N1 D DC 2 ? ? 110.92 108.30 2.62 0.30 N 
27 1 "O4'" D DC 3 ? ? "C1'" D DC 3 ? ? N1 D DC 3 ? ? 110.89 108.30 2.59 0.30 N 
28 1 "O4'" D DC 4 ? ? "C1'" D DC 4 ? ? N1 D DC 4 ? ? 110.17 108.30 1.87 0.30 N 
29 1 "O4'" D DA 5 ? ? "C1'" D DA 5 ? ? N9 D DA 5 ? ? 111.02 108.30 2.72 0.30 N 
30 1 N7    D DA 5 ? ? C8    D DA 5 ? ? N9 D DA 5 ? ? 117.57 113.80 3.77 0.50 N 
31 1 "O4'" D DA 6 ? ? "C1'" D DA 6 ? ? N9 D DA 6 ? ? 110.98 108.30 2.68 0.30 N 
32 1 N7    D DA 6 ? ? C8    D DA 6 ? ? N9 D DA 6 ? ? 117.31 113.80 3.51 0.50 N 
# 
_pdbx_nmr_ensemble.entry_id                                      1YBR 
_pdbx_nmr_ensemble.conformers_calculated_total_number            10 
_pdbx_nmr_ensemble.conformers_submitted_total_number             1 
_pdbx_nmr_ensemble.conformer_selection_criteria                  'back calculated data agree with experimental NOESY spectrum' 
_pdbx_nmr_ensemble.average_constraints_per_residue               ? 
_pdbx_nmr_ensemble.average_constraint_violations_per_residue     ? 
_pdbx_nmr_ensemble.maximum_distance_constraint_violation         ? 
_pdbx_nmr_ensemble.average_distance_constraint_violation         ? 
_pdbx_nmr_ensemble.maximum_upper_distance_constraint_violation   ? 
_pdbx_nmr_ensemble.maximum_lower_distance_constraint_violation   ? 
_pdbx_nmr_ensemble.distance_constraint_violation_method          ? 
_pdbx_nmr_ensemble.maximum_torsion_angle_constraint_violation    ? 
_pdbx_nmr_ensemble.average_torsion_angle_constraint_violation    ? 
_pdbx_nmr_ensemble.torsion_angle_constraint_violation_method     ? 
# 
_pdbx_nmr_representative.entry_id             1YBR 
_pdbx_nmr_representative.conformer_id         1 
_pdbx_nmr_representative.selection_criteria   'fewest violations' 
# 
_pdbx_nmr_sample_details.solution_id      1 
_pdbx_nmr_sample_details.contents         'pH 4.5' 
_pdbx_nmr_sample_details.solvent_system   H2O/D2O 
_pdbx_nmr_sample_details.label            ? 
_pdbx_nmr_sample_details.type             ? 
_pdbx_nmr_sample_details.details          ? 
# 
_pdbx_nmr_exptl_sample_conditions.conditions_id          1 
_pdbx_nmr_exptl_sample_conditions.temperature            273 
_pdbx_nmr_exptl_sample_conditions.pressure               normal 
_pdbx_nmr_exptl_sample_conditions.pH                     4.5 
_pdbx_nmr_exptl_sample_conditions.ionic_strength         'no added salt' 
_pdbx_nmr_exptl_sample_conditions.pressure_units         ? 
_pdbx_nmr_exptl_sample_conditions.temperature_units      K 
_pdbx_nmr_exptl_sample_conditions.label                  ? 
_pdbx_nmr_exptl_sample_conditions.pH_units               ? 
_pdbx_nmr_exptl_sample_conditions.ionic_strength_units   ? 
# 
loop_
_pdbx_nmr_exptl.experiment_id 
_pdbx_nmr_exptl.conditions_id 
_pdbx_nmr_exptl.type 
_pdbx_nmr_exptl.solution_id 
1 1 '2D NOESY' 1 
2 1 '2D TOCSY' 1 
3 1 HMBC       1 
# 
_pdbx_nmr_details.entry_id   1YBR 
_pdbx_nmr_details.text       'Standard 2D methods' 
# 
_pdbx_nmr_refine.entry_id           1YBR 
_pdbx_nmr_refine.method             'simulated annealing' 
_pdbx_nmr_refine.details            
'352 NOE-derived distances restraints  and 12 H-bonding restraints derived from proton exchange measurements' 
_pdbx_nmr_refine.software_ordinal   1 
# 
loop_
_pdbx_nmr_software.classification 
_pdbx_nmr_software.name 
_pdbx_nmr_software.version 
_pdbx_nmr_software.authors 
_pdbx_nmr_software.ordinal 
'structure solution' X-PLOR 3.851 'Brunger, A.T.' 1 
refinement           X-PLOR 3.851 'Brunger, A.T.' 2 
# 
loop_
_chem_comp_atom.comp_id 
_chem_comp_atom.atom_id 
_chem_comp_atom.type_symbol 
_chem_comp_atom.pdbx_aromatic_flag 
_chem_comp_atom.pdbx_stereo_config 
_chem_comp_atom.pdbx_ordinal 
DA OP3    O N N 1  
DA P      P N N 2  
DA OP1    O N N 3  
DA OP2    O N N 4  
DA "O5'"  O N N 5  
DA "C5'"  C N N 6  
DA "C4'"  C N R 7  
DA "O4'"  O N N 8  
DA "C3'"  C N S 9  
DA "O3'"  O N N 10 
DA "C2'"  C N N 11 
DA "C1'"  C N R 12 
DA N9     N Y N 13 
DA C8     C Y N 14 
DA N7     N Y N 15 
DA C5     C Y N 16 
DA C6     C Y N 17 
DA N6     N N N 18 
DA N1     N Y N 19 
DA C2     C Y N 20 
DA N3     N Y N 21 
DA C4     C Y N 22 
DA HOP3   H N N 23 
DA HOP2   H N N 24 
DA "H5'"  H N N 25 
DA "H5''" H N N 26 
DA "H4'"  H N N 27 
DA "H3'"  H N N 28 
DA "HO3'" H N N 29 
DA "H2'"  H N N 30 
DA "H2''" H N N 31 
DA "H1'"  H N N 32 
DA H8     H N N 33 
DA H61    H N N 34 
DA H62    H N N 35 
DA H2     H N N 36 
DC OP3    O N N 37 
DC P      P N N 38 
DC OP1    O N N 39 
DC OP2    O N N 40 
DC "O5'"  O N N 41 
DC "C5'"  C N N 42 
DC "C4'"  C N R 43 
DC "O4'"  O N N 44 
DC "C3'"  C N S 45 
DC "O3'"  O N N 46 
DC "C2'"  C N N 47 
DC "C1'"  C N R 48 
DC N1     N N N 49 
DC C2     C N N 50 
DC O2     O N N 51 
DC N3     N N N 52 
DC C4     C N N 53 
DC N4     N N N 54 
DC C5     C N N 55 
DC C6     C N N 56 
DC HOP3   H N N 57 
DC HOP2   H N N 58 
DC "H5'"  H N N 59 
DC "H5''" H N N 60 
DC "H4'"  H N N 61 
DC "H3'"  H N N 62 
DC "HO3'" H N N 63 
DC "H2'"  H N N 64 
DC "H2''" H N N 65 
DC "H1'"  H N N 66 
DC H41    H N N 67 
DC H42    H N N 68 
DC H5     H N N 69 
DC H6     H N N 70 
# 
loop_
_chem_comp_bond.comp_id 
_chem_comp_bond.atom_id_1 
_chem_comp_bond.atom_id_2 
_chem_comp_bond.value_order 
_chem_comp_bond.pdbx_aromatic_flag 
_chem_comp_bond.pdbx_stereo_config 
_chem_comp_bond.pdbx_ordinal 
DA OP3   P      sing N N 1  
DA OP3   HOP3   sing N N 2  
DA P     OP1    doub N N 3  
DA P     OP2    sing N N 4  
DA P     "O5'"  sing N N 5  
DA OP2   HOP2   sing N N 6  
DA "O5'" "C5'"  sing N N 7  
DA "C5'" "C4'"  sing N N 8  
DA "C5'" "H5'"  sing N N 9  
DA "C5'" "H5''" sing N N 10 
DA "C4'" "O4'"  sing N N 11 
DA "C4'" "C3'"  sing N N 12 
DA "C4'" "H4'"  sing N N 13 
DA "O4'" "C1'"  sing N N 14 
DA "C3'" "O3'"  sing N N 15 
DA "C3'" "C2'"  sing N N 16 
DA "C3'" "H3'"  sing N N 17 
DA "O3'" "HO3'" sing N N 18 
DA "C2'" "C1'"  sing N N 19 
DA "C2'" "H2'"  sing N N 20 
DA "C2'" "H2''" sing N N 21 
DA "C1'" N9     sing N N 22 
DA "C1'" "H1'"  sing N N 23 
DA N9    C8     sing Y N 24 
DA N9    C4     sing Y N 25 
DA C8    N7     doub Y N 26 
DA C8    H8     sing N N 27 
DA N7    C5     sing Y N 28 
DA C5    C6     sing Y N 29 
DA C5    C4     doub Y N 30 
DA C6    N6     sing N N 31 
DA C6    N1     doub Y N 32 
DA N6    H61    sing N N 33 
DA N6    H62    sing N N 34 
DA N1    C2     sing Y N 35 
DA C2    N3     doub Y N 36 
DA C2    H2     sing N N 37 
DA N3    C4     sing Y N 38 
DC OP3   P      sing N N 39 
DC OP3   HOP3   sing N N 40 
DC P     OP1    doub N N 41 
DC P     OP2    sing N N 42 
DC P     "O5'"  sing N N 43 
DC OP2   HOP2   sing N N 44 
DC "O5'" "C5'"  sing N N 45 
DC "C5'" "C4'"  sing N N 46 
DC "C5'" "H5'"  sing N N 47 
DC "C5'" "H5''" sing N N 48 
DC "C4'" "O4'"  sing N N 49 
DC "C4'" "C3'"  sing N N 50 
DC "C4'" "H4'"  sing N N 51 
DC "O4'" "C1'"  sing N N 52 
DC "C3'" "O3'"  sing N N 53 
DC "C3'" "C2'"  sing N N 54 
DC "C3'" "H3'"  sing N N 55 
DC "O3'" "HO3'" sing N N 56 
DC "C2'" "C1'"  sing N N 57 
DC "C2'" "H2'"  sing N N 58 
DC "C2'" "H2''" sing N N 59 
DC "C1'" N1     sing N N 60 
DC "C1'" "H1'"  sing N N 61 
DC N1    C2     sing N N 62 
DC N1    C6     sing N N 63 
DC C2    O2     doub N N 64 
DC C2    N3     sing N N 65 
DC N3    C4     doub N N 66 
DC C4    N4     sing N N 67 
DC C4    C5     sing N N 68 
DC N4    H41    sing N N 69 
DC N4    H42    sing N N 70 
DC C5    C6     doub N N 71 
DC C5    H5     sing N N 72 
DC C6    H6     sing N N 73 
# 
_ndb_struct_conf_na.entry_id   1YBR 
_ndb_struct_conf_na.feature    'double helix' 
# 
loop_
_ndb_struct_na_base_pair.model_number 
_ndb_struct_na_base_pair.i_label_asym_id 
_ndb_struct_na_base_pair.i_label_comp_id 
_ndb_struct_na_base_pair.i_label_seq_id 
_ndb_struct_na_base_pair.i_symmetry 
_ndb_struct_na_base_pair.j_label_asym_id 
_ndb_struct_na_base_pair.j_label_comp_id 
_ndb_struct_na_base_pair.j_label_seq_id 
_ndb_struct_na_base_pair.j_symmetry 
_ndb_struct_na_base_pair.shear 
_ndb_struct_na_base_pair.stretch 
_ndb_struct_na_base_pair.stagger 
_ndb_struct_na_base_pair.buckle 
_ndb_struct_na_base_pair.propeller 
_ndb_struct_na_base_pair.opening 
_ndb_struct_na_base_pair.pair_number 
_ndb_struct_na_base_pair.pair_name 
_ndb_struct_na_base_pair.i_auth_asym_id 
_ndb_struct_na_base_pair.i_auth_seq_id 
_ndb_struct_na_base_pair.i_PDB_ins_code 
_ndb_struct_na_base_pair.j_auth_asym_id 
_ndb_struct_na_base_pair.j_auth_seq_id 
_ndb_struct_na_base_pair.j_PDB_ins_code 
_ndb_struct_na_base_pair.hbond_type_28 
_ndb_struct_na_base_pair.hbond_type_12 
1 A DA 5 1_555 C DA 5 1_555 -1.377 -1.564 0.005  4.310  -3.206 179.998  1  A_DA5:DA5_C A 5 ? C 5 ? 1  2 
1 D DC 1 1_555 B DC 1 1_555 -1.966 -1.065 -0.003 13.920 -8.718 -179.942 2  D_DC1:DC1_B D 1 ? B 1 ? 15 2 
1 A DC 4 1_555 C DC 4 1_555 1.895  1.362  0.001  17.331 25.949 179.994  3  A_DC4:DC4_C A 4 ? C 4 ? 15 2 
1 D DC 2 1_555 B DC 2 1_555 2.209  1.925  -0.003 -6.706 -1.479 179.964  4  D_DC2:DC2_B D 2 ? B 2 ? 15 2 
1 A DC 3 1_555 C DC 3 1_555 2.150  1.831  0.000  0.891  1.401  179.996  5  A_DC3:DC3_C A 3 ? C 3 ? 15 2 
1 D DC 3 1_555 B DC 3 1_555 2.145  1.823  0.001  0.862  1.468  179.985  6  D_DC3:DC3_B D 3 ? B 3 ? 15 2 
1 A DC 2 1_555 C DC 2 1_555 2.217  1.939  0.000  -6.685 -1.510 179.996  7  A_DC2:DC2_C A 2 ? C 2 ? 15 2 
1 D DC 4 1_555 B DC 4 1_555 1.895  1.357  0.002  17.217 25.941 179.963  8  D_DC4:DC4_B D 4 ? B 4 ? 15 2 
1 A DC 1 1_555 C DC 1 1_555 -1.969 -1.087 -0.001 13.746 -8.764 -179.984 9  A_DC1:DC1_C A 1 ? C 1 ? 15 2 
1 D DA 5 1_555 B DA 5 1_555 -1.370 -1.561 0.002  4.358  -3.146 179.899  10 D_DA5:DA5_B D 5 ? B 5 ? 1  2 
# 
loop_
_ndb_struct_na_base_pair_step.model_number 
_ndb_struct_na_base_pair_step.i_label_asym_id_1 
_ndb_struct_na_base_pair_step.i_label_comp_id_1 
_ndb_struct_na_base_pair_step.i_label_seq_id_1 
_ndb_struct_na_base_pair_step.i_symmetry_1 
_ndb_struct_na_base_pair_step.j_label_asym_id_1 
_ndb_struct_na_base_pair_step.j_label_comp_id_1 
_ndb_struct_na_base_pair_step.j_label_seq_id_1 
_ndb_struct_na_base_pair_step.j_symmetry_1 
_ndb_struct_na_base_pair_step.i_label_asym_id_2 
_ndb_struct_na_base_pair_step.i_label_comp_id_2 
_ndb_struct_na_base_pair_step.i_label_seq_id_2 
_ndb_struct_na_base_pair_step.i_symmetry_2 
_ndb_struct_na_base_pair_step.j_label_asym_id_2 
_ndb_struct_na_base_pair_step.j_label_comp_id_2 
_ndb_struct_na_base_pair_step.j_label_seq_id_2 
_ndb_struct_na_base_pair_step.j_symmetry_2 
_ndb_struct_na_base_pair_step.shift 
_ndb_struct_na_base_pair_step.slide 
_ndb_struct_na_base_pair_step.rise 
_ndb_struct_na_base_pair_step.tilt 
_ndb_struct_na_base_pair_step.roll 
_ndb_struct_na_base_pair_step.twist 
_ndb_struct_na_base_pair_step.x_displacement 
_ndb_struct_na_base_pair_step.y_displacement 
_ndb_struct_na_base_pair_step.helical_rise 
_ndb_struct_na_base_pair_step.inclination 
_ndb_struct_na_base_pair_step.tip 
_ndb_struct_na_base_pair_step.helical_twist 
_ndb_struct_na_base_pair_step.step_number 
_ndb_struct_na_base_pair_step.step_name 
_ndb_struct_na_base_pair_step.i_auth_asym_id_1 
_ndb_struct_na_base_pair_step.i_auth_seq_id_1 
_ndb_struct_na_base_pair_step.i_PDB_ins_code_1 
_ndb_struct_na_base_pair_step.j_auth_asym_id_1 
_ndb_struct_na_base_pair_step.j_auth_seq_id_1 
_ndb_struct_na_base_pair_step.j_PDB_ins_code_1 
_ndb_struct_na_base_pair_step.i_auth_asym_id_2 
_ndb_struct_na_base_pair_step.i_auth_seq_id_2 
_ndb_struct_na_base_pair_step.i_PDB_ins_code_2 
_ndb_struct_na_base_pair_step.j_auth_asym_id_2 
_ndb_struct_na_base_pair_step.j_auth_seq_id_2 
_ndb_struct_na_base_pair_step.j_PDB_ins_code_2 
1 A DA 5 1_555 C DA 5 1_555 D DC 1 1_555 B DC 1 1_555 -2.265 -1.518 -0.007 100.126  -149.437 -120.890 0.757  -1.134 -0.006 74.725 
50.067  -179.940 1 AD_DA5DC1:DC1DA5_BC A 5 ? C 5 ? D 1 ? B 1 ? 
1 D DC 1 1_555 B DC 1 1_555 A DC 4 1_555 C DC 4 1_555 -2.777 -2.683 0.001  -124.963 129.443  120.635  -1.342 1.388  0.000  64.725 
62.485  179.960  2 DA_DC1DC4:DC4DC1_CB D 1 ? B 1 ? A 4 ? C 4 ? 
1 A DC 4 1_555 C DC 4 1_555 D DC 2 1_555 B DC 2 1_555 -1.283 2.167  -0.001 -154.658 -92.032  -16.974  -1.082 -0.643 0.005  46.023 
-77.340 -179.970 3 AD_DC4DC2:DC2DC4_BC A 4 ? C 4 ? D 2 ? B 2 ? 
1 D DC 2 1_555 B DC 2 1_555 A DC 3 1_555 C DC 3 1_555 -1.895 2.501  -0.004 143.551  108.545  64.076   1.252  0.946  -0.004 54.277 
-71.781 179.974  4 DA_DC2DC3:DC3DC2_CB D 2 ? B 2 ? A 3 ? C 3 ? 
1 A DC 3 1_555 C DC 3 1_555 D DC 3 1_555 B DC 3 1_555 -1.690 2.498  0.004  -149.048 -100.866 -171.225 -1.249 -0.845 0.004  50.433 
-74.524 -179.998 5 AD_DC3DC3:DC3DC3_BC A 3 ? C 3 ? D 3 ? B 3 ? 
1 D DC 3 1_555 B DC 3 1_555 A DC 2 1_555 C DC 2 1_555 1.890  -2.508 0.001  -143.561 -108.546 -45.280  1.253  0.946  -0.005 54.277 
-71.786 -179.979 6 DA_DC3DC2:DC2DC3_CB D 3 ? B 3 ? A 2 ? C 2 ? 
1 A DC 2 1_555 C DC 2 1_555 D DC 4 1_555 B DC 4 1_555 1.289  -2.162 -0.001 154.655  92.024   4.541    -1.081 -0.644 0.002  46.021 
-77.343 179.962  7 AD_DC2DC4:DC4DC2_BC A 2 ? C 2 ? D 4 ? B 4 ? 
1 D DC 4 1_555 B DC 4 1_555 A DC 1 1_555 C DC 1 1_555 -2.783 -2.681 0.002  -124.907 129.573  175.931  -1.340 1.392  0.002  64.787 
62.453  179.999  8 DA_DC4DC1:DC1DC4_CB D 4 ? B 4 ? A 1 ? C 1 ? 
1 A DC 1 1_555 C DC 1 1_555 D DA 5 1_555 B DA 5 1_555 2.267  1.515  0.000  -100.007 149.635  148.705  0.758  -1.133 0.000  74.818 
50.004  179.994  9 AD_DC1DA5:DA5DC1_BC A 1 ? C 1 ? D 5 ? B 5 ? 
# 
_pdbx_nmr_spectrometer.spectrometer_id   1 
_pdbx_nmr_spectrometer.model             GX 
_pdbx_nmr_spectrometer.manufacturer      Varian 
_pdbx_nmr_spectrometer.field_strength    500 
_pdbx_nmr_spectrometer.type              ? 
# 
_atom_sites.entry_id                    1YBR 
_atom_sites.fract_transf_matrix[1][1]   1.000000 
_atom_sites.fract_transf_matrix[1][2]   0.000000 
_atom_sites.fract_transf_matrix[1][3]   0.000000 
_atom_sites.fract_transf_matrix[2][1]   0.000000 
_atom_sites.fract_transf_matrix[2][2]   1.000000 
_atom_sites.fract_transf_matrix[2][3]   0.000000 
_atom_sites.fract_transf_matrix[3][1]   0.000000 
_atom_sites.fract_transf_matrix[3][2]   0.000000 
_atom_sites.fract_transf_matrix[3][3]   1.000000 
_atom_sites.fract_transf_vector[1]      0.00000 
_atom_sites.fract_transf_vector[2]      0.00000 
_atom_sites.fract_transf_vector[3]      0.00000 
# 
loop_
_atom_type.symbol 
C 
H 
N 
O 
P 
# 
loop_
_atom_site.group_PDB 
_atom_site.id 
_atom_site.type_symbol 
_atom_site.label_atom_id 
_atom_site.label_alt_id 
_atom_site.label_comp_id 
_atom_site.label_asym_id 
_atom_site.label_entity_id 
_atom_site.label_seq_id 
_atom_site.pdbx_PDB_ins_code 
_atom_site.Cartn_x 
_atom_site.Cartn_y 
_atom_site.Cartn_z 
_atom_site.occupancy 
_atom_site.B_iso_or_equiv 
_atom_site.pdbx_formal_charge 
_atom_site.auth_seq_id 
_atom_site.auth_comp_id 
_atom_site.auth_asym_id 
_atom_site.auth_atom_id 
_atom_site.pdbx_PDB_model_num 
ATOM 1   O "O5'"  . DC A 1 1 ? 13.779  1.240   0.488   1.00 0.00 ? 1 DC A "O5'"  1 
ATOM 2   C "C5'"  . DC A 1 1 ? 13.479  2.379   -0.326  1.00 0.00 ? 1 DC A "C5'"  1 
ATOM 3   C "C4'"  . DC A 1 1 ? 12.542  2.018   -1.479  1.00 0.00 ? 1 DC A "C4'"  1 
ATOM 4   O "O4'"  . DC A 1 1 ? 12.563  0.600   -1.728  1.00 0.00 ? 1 DC A "O4'"  1 
ATOM 5   C "C3'"  . DC A 1 1 ? 11.108  2.423   -1.174  1.00 0.00 ? 1 DC A "C3'"  1 
ATOM 6   O "O3'"  . DC A 1 1 ? 10.719  3.570   -1.938  1.00 0.00 ? 1 DC A "O3'"  1 
ATOM 7   C "C2'"  . DC A 1 1 ? 10.267  1.228   -1.521  1.00 0.00 ? 1 DC A "C2'"  1 
ATOM 8   C "C1'"  . DC A 1 1 ? 11.224  0.067   -1.719  1.00 0.00 ? 1 DC A "C1'"  1 
ATOM 9   N N1     . DC A 1 1 ? 11.071  -0.919  -0.628  1.00 0.00 ? 1 DC A N1     1 
ATOM 10  C C2     . DC A 1 1 ? 10.602  -2.190  -0.947  1.00 0.00 ? 1 DC A C2     1 
ATOM 11  O O2     . DC A 1 1 ? 10.356  -2.491  -2.115  1.00 0.00 ? 1 DC A O2     1 
ATOM 12  N N3     . DC A 1 1 ? 10.442  -3.086  0.065   1.00 0.00 ? 1 DC A N3     1 
ATOM 13  C C4     . DC A 1 1 ? 10.729  -2.755  1.331   1.00 0.00 ? 1 DC A C4     1 
ATOM 14  N N4     . DC A 1 1 ? 10.549  -3.654  2.300   1.00 0.00 ? 1 DC A N4     1 
ATOM 15  C C5     . DC A 1 1 ? 11.215  -1.453  1.661   1.00 0.00 ? 1 DC A C5     1 
ATOM 16  C C6     . DC A 1 1 ? 11.370  -0.574  0.658   1.00 0.00 ? 1 DC A C6     1 
ATOM 17  H "H5'"  . DC A 1 1 ? 14.408  2.777   -0.735  1.00 0.00 ? 1 DC A "H5'"  1 
ATOM 18  H "H5''" . DC A 1 1 ? 13.008  3.144   0.293   1.00 0.00 ? 1 DC A "H5''" 1 
ATOM 19  H "H4'"  . DC A 1 1 ? 12.867  2.535   -2.379  1.00 0.00 ? 1 DC A "H4'"  1 
ATOM 20  H "H3'"  . DC A 1 1 ? 11.009  2.631   -0.109  1.00 0.00 ? 1 DC A "H3'"  1 
ATOM 21  H "H2'"  . DC A 1 1 ? 9.578   1.011   -0.709  1.00 0.00 ? 1 DC A "H2'"  1 
ATOM 22  H "H2''" . DC A 1 1 ? 9.714   1.416   -2.441  1.00 0.00 ? 1 DC A "H2''" 1 
ATOM 23  H "H1'"  . DC A 1 1 ? 11.022  -0.406  -2.674  1.00 0.00 ? 1 DC A "H1'"  1 
ATOM 24  H H41    . DC A 1 1 ? 10.191  -4.570  2.077   1.00 0.00 ? 1 DC A H41    1 
ATOM 25  H H42    . DC A 1 1 ? 10.760  -3.410  3.257   1.00 0.00 ? 1 DC A H42    1 
ATOM 26  H H5     . DC A 1 1 ? 11.450  -1.181  2.688   1.00 0.00 ? 1 DC A H5     1 
ATOM 27  H H6     . DC A 1 1 ? 11.737  0.429   0.874   1.00 0.00 ? 1 DC A H6     1 
ATOM 28  H "HO5'" . DC A 1 1 ? 13.820  0.478   -0.093  1.00 0.00 ? 1 DC A "HO5'" 1 
ATOM 29  P P      . DC A 1 2 ? 9.429   4.440   -1.513  1.00 0.00 ? 2 DC A P      1 
ATOM 30  O OP1    . DC A 1 2 ? 9.565   5.790   -2.105  1.00 0.00 ? 2 DC A OP1    1 
ATOM 31  O OP2    . DC A 1 2 ? 9.226   4.291   -0.054  1.00 0.00 ? 2 DC A OP2    1 
ATOM 32  O "O5'"  . DC A 1 2 ? 8.227   3.678   -2.267  1.00 0.00 ? 2 DC A "O5'"  1 
ATOM 33  C "C5'"  . DC A 1 2 ? 8.235   3.544   -3.691  1.00 0.00 ? 2 DC A "C5'"  1 
ATOM 34  C "C4'"  . DC A 1 2 ? 7.010   2.785   -4.194  1.00 0.00 ? 2 DC A "C4'"  1 
ATOM 35  O "O4'"  . DC A 1 2 ? 6.867   1.523   -3.510  1.00 0.00 ? 2 DC A "O4'"  1 
ATOM 36  C "C3'"  . DC A 1 2 ? 5.739   3.590   -3.967  1.00 0.00 ? 2 DC A "C3'"  1 
ATOM 37  O "O3'"  . DC A 1 2 ? 5.237   4.114   -5.202  1.00 0.00 ? 2 DC A "O3'"  1 
ATOM 38  C "C2'"  . DC A 1 2 ? 4.754   2.636   -3.345  1.00 0.00 ? 2 DC A "C2'"  1 
ATOM 39  C "C1'"  . DC A 1 2 ? 5.502   1.338   -3.084  1.00 0.00 ? 2 DC A "C1'"  1 
ATOM 40  N N1     . DC A 1 2 ? 5.441   0.974   -1.654  1.00 0.00 ? 2 DC A N1     1 
ATOM 41  C C2     . DC A 1 2 ? 4.882   -0.255  -1.328  1.00 0.00 ? 2 DC A C2     1 
ATOM 42  O O2     . DC A 1 2 ? 4.468   -1.004  -2.213  1.00 0.00 ? 2 DC A O2     1 
ATOM 43  N N3     . DC A 1 2 ? 4.814   -0.604  -0.016  1.00 0.00 ? 2 DC A N3     1 
ATOM 44  C C4     . DC A 1 2 ? 5.275   0.212   0.940   1.00 0.00 ? 2 DC A C4     1 
ATOM 45  N N4     . DC A 1 2 ? 5.185   -0.168  2.214   1.00 0.00 ? 2 DC A N4     1 
ATOM 46  C C5     . DC A 1 2 ? 5.853   1.478   0.611   1.00 0.00 ? 2 DC A C5     1 
ATOM 47  C C6     . DC A 1 2 ? 5.916   1.818   -0.692  1.00 0.00 ? 2 DC A C6     1 
ATOM 48  H "H5'"  . DC A 1 2 ? 9.134   3.005   -3.993  1.00 0.00 ? 2 DC A "H5'"  1 
ATOM 49  H "H5''" . DC A 1 2 ? 8.247   4.536   -4.142  1.00 0.00 ? 2 DC A "H5''" 1 
ATOM 50  H "H4'"  . DC A 1 2 ? 7.125   2.597   -5.261  1.00 0.00 ? 2 DC A "H4'"  1 
ATOM 51  H "H3'"  . DC A 1 2 ? 5.944   4.404   -3.269  1.00 0.00 ? 2 DC A "H3'"  1 
ATOM 52  H "H2'"  . DC A 1 2 ? 4.378   3.047   -2.407  1.00 0.00 ? 2 DC A "H2'"  1 
ATOM 53  H "H2''" . DC A 1 2 ? 3.926   2.457   -4.030  1.00 0.00 ? 2 DC A "H2''" 1 
ATOM 54  H "H1'"  . DC A 1 2 ? 5.050   0.540   -3.672  1.00 0.00 ? 2 DC A "H1'"  1 
ATOM 55  H H41    . DC A 1 2 ? 4.775   -1.063  2.445   1.00 0.00 ? 2 DC A H41    1 
ATOM 56  H H42    . DC A 1 2 ? 5.527   0.437   2.948   1.00 0.00 ? 2 DC A H42    1 
ATOM 57  H H5     . DC A 1 2 ? 6.229   2.146   1.387   1.00 0.00 ? 2 DC A H5     1 
ATOM 58  H H6     . DC A 1 2 ? 6.348   2.778   -0.981  1.00 0.00 ? 2 DC A H6     1 
ATOM 59  P P      . DC A 1 3 ? 4.419   5.501   -5.239  1.00 0.00 ? 3 DC A P      1 
ATOM 60  O OP1    . DC A 1 3 ? 3.566   5.501   -6.445  1.00 0.00 ? 3 DC A OP1    1 
ATOM 61  O OP2    . DC A 1 3 ? 5.372   6.606   -5.016  1.00 0.00 ? 3 DC A OP2    1 
ATOM 62  O "O5'"  . DC A 1 3 ? 3.467   5.385   -3.942  1.00 0.00 ? 3 DC A "O5'"  1 
ATOM 63  C "C5'"  . DC A 1 3 ? 2.157   5.966   -3.938  1.00 0.00 ? 3 DC A "C5'"  1 
ATOM 64  C "C4'"  . DC A 1 3 ? 1.123   5.022   -4.545  1.00 0.00 ? 3 DC A "C4'"  1 
ATOM 65  O "O4'"  . DC A 1 3 ? 1.081   3.775   -3.815  1.00 0.00 ? 3 DC A "O4'"  1 
ATOM 66  C "C3'"  . DC A 1 3 ? -0.266  5.644   -4.513  1.00 0.00 ? 3 DC A "C3'"  1 
ATOM 67  O "O3'"  . DC A 1 3 ? -0.753  5.878   -5.840  1.00 0.00 ? 3 DC A "O3'"  1 
ATOM 68  C "C2'"  . DC A 1 3 ? -1.146  4.659   -3.787  1.00 0.00 ? 3 DC A "C2'"  1 
ATOM 69  C "C1'"  . DC A 1 3 ? -0.263  3.491   -3.375  1.00 0.00 ? 3 DC A "C1'"  1 
ATOM 70  N N1     . DC A 1 3 ? -0.308  3.286   -1.911  1.00 0.00 ? 3 DC A N1     1 
ATOM 71  C C2     . DC A 1 3 ? -0.805  2.075   -1.447  1.00 0.00 ? 3 DC A C2     1 
ATOM 72  O O2     . DC A 1 3 ? -1.180  1.213   -2.239  1.00 0.00 ? 3 DC A O2     1 
ATOM 73  N N3     . DC A 1 3 ? -0.861  1.875   -0.102  1.00 0.00 ? 3 DC A N3     1 
ATOM 74  C C4     . DC A 1 3 ? -0.451  2.818   0.753   1.00 0.00 ? 3 DC A C4     1 
ATOM 75  N N4     . DC A 1 3 ? -0.527  2.586   2.064   1.00 0.00 ? 3 DC A N4     1 
ATOM 76  C C5     . DC A 1 3 ? 0.063   4.067   0.282   1.00 0.00 ? 3 DC A C5     1 
ATOM 77  C C6     . DC A 1 3 ? 0.116   4.258   -1.050  1.00 0.00 ? 3 DC A C6     1 
ATOM 78  H "H5'"  . DC A 1 3 ? 2.176   6.892   -4.513  1.00 0.00 ? 3 DC A "H5'"  1 
ATOM 79  H "H5''" . DC A 1 3 ? 1.874   6.192   -2.910  1.00 0.00 ? 3 DC A "H5''" 1 
ATOM 80  H "H4'"  . DC A 1 3 ? 1.396   4.816   -5.580  1.00 0.00 ? 3 DC A "H4'"  1 
ATOM 81  H "H3'"  . DC A 1 3 ? -0.234  6.583   -3.955  1.00 0.00 ? 3 DC A "H3'"  1 
ATOM 82  H "H2'"  . DC A 1 3 ? -1.581  5.129   -2.903  1.00 0.00 ? 3 DC A "H2'"  1 
ATOM 83  H "H2''" . DC A 1 3 ? -1.935  4.312   -4.450  1.00 0.00 ? 3 DC A "H2''" 1 
ATOM 84  H "H1'"  . DC A 1 3 ? -0.614  2.587   -3.871  1.00 0.00 ? 3 DC A "H1'"  1 
ATOM 85  H H41    . DC A 1 3 ? -0.888  1.703   2.398   1.00 0.00 ? 3 DC A H41    1 
ATOM 86  H H42    . DC A 1 3 ? -0.223  3.290   2.722   1.00 0.00 ? 3 DC A H42    1 
ATOM 87  H H5     . DC A 1 3 ? 0.398   4.837   0.977   1.00 0.00 ? 3 DC A H5     1 
ATOM 88  H H6     . DC A 1 3 ? 0.502   5.198   -1.444  1.00 0.00 ? 3 DC A H6     1 
ATOM 89  P P      . DC A 1 4 ? -1.771  7.091   -6.146  1.00 0.00 ? 4 DC A P      1 
ATOM 90  O OP1    . DC A 1 4 ? -2.415  6.836   -7.448  1.00 0.00 ? 4 DC A OP1    1 
ATOM 91  O OP2    . DC A 1 4 ? -1.055  8.363   -5.926  1.00 0.00 ? 4 DC A OP2    1 
ATOM 92  O "O5'"  . DC A 1 4 ? -2.883  6.929   -4.989  1.00 0.00 ? 4 DC A "O5'"  1 
ATOM 93  C "C5'"  . DC A 1 4 ? -4.162  7.561   -5.107  1.00 0.00 ? 4 DC A "C5'"  1 
ATOM 94  C "C4'"  . DC A 1 4 ? -5.244  6.564   -5.512  1.00 0.00 ? 4 DC A "C4'"  1 
ATOM 95  O "O4'"  . DC A 1 4 ? -5.225  5.413   -4.646  1.00 0.00 ? 4 DC A "O4'"  1 
ATOM 96  C "C3'"  . DC A 1 4 ? -6.631  7.194   -5.432  1.00 0.00 ? 4 DC A "C3'"  1 
ATOM 97  O "O3'"  . DC A 1 4 ? -7.177  7.435   -6.741  1.00 0.00 ? 4 DC A "O3'"  1 
ATOM 98  C "C2'"  . DC A 1 4 ? -7.478  6.222   -4.654  1.00 0.00 ? 4 DC A "C2'"  1 
ATOM 99  C "C1'"  . DC A 1 4 ? -6.533  5.176   -4.089  1.00 0.00 ? 4 DC A "C1'"  1 
ATOM 100 N N1     . DC A 1 4 ? -6.481  5.255   -2.618  1.00 0.00 ? 4 DC A N1     1 
ATOM 101 C C2     . DC A 1 4 ? -6.614  4.078   -1.894  1.00 0.00 ? 4 DC A C2     1 
ATOM 102 O O2     . DC A 1 4 ? -6.815  3.013   -2.472  1.00 0.00 ? 4 DC A O2     1 
ATOM 103 N N3     . DC A 1 4 ? -6.533  4.148   -0.537  1.00 0.00 ? 4 DC A N3     1 
ATOM 104 C C4     . DC A 1 4 ? -6.335  5.318   0.082   1.00 0.00 ? 4 DC A C4     1 
ATOM 105 N N4     . DC A 1 4 ? -6.247  5.352   1.411   1.00 0.00 ? 4 DC A N4     1 
ATOM 106 C C5     . DC A 1 4 ? -6.206  6.530   -0.665  1.00 0.00 ? 4 DC A C5     1 
ATOM 107 C C6     . DC A 1 4 ? -6.283  6.451   -2.001  1.00 0.00 ? 4 DC A C6     1 
ATOM 108 H "H5'"  . DC A 1 4 ? -4.106  8.349   -5.860  1.00 0.00 ? 4 DC A "H5'"  1 
ATOM 109 H "H5''" . DC A 1 4 ? -4.428  8.006   -4.148  1.00 0.00 ? 4 DC A "H5''" 1 
ATOM 110 H "H4'"  . DC A 1 4 ? -5.063  6.234   -6.531  1.00 0.00 ? 4 DC A "H4'"  1 
ATOM 111 H "H3'"  . DC A 1 4 ? -6.569  8.134   -4.879  1.00 0.00 ? 4 DC A "H3'"  1 
ATOM 112 H "H2'"  . DC A 1 4 ? -7.991  6.741   -3.846  1.00 0.00 ? 4 DC A "H2'"  1 
ATOM 113 H "H2''" . DC A 1 4 ? -8.208  5.750   -5.313  1.00 0.00 ? 4 DC A "H2''" 1 
ATOM 114 H "H1'"  . DC A 1 4 ? -6.871  4.190   -4.386  1.00 0.00 ? 4 DC A "H1'"  1 
ATOM 115 H H41    . DC A 1 4 ? -6.336  4.500   1.946   1.00 0.00 ? 4 DC A H41    1 
ATOM 116 H H42    . DC A 1 4 ? -6.091  6.231   1.883   1.00 0.00 ? 4 DC A H42    1 
ATOM 117 H H5     . DC A 1 4 ? -6.071  7.489   -0.168  1.00 0.00 ? 4 DC A H5     1 
ATOM 118 H H6     . DC A 1 4 ? -6.185  7.354   -2.602  1.00 0.00 ? 4 DC A H6     1 
ATOM 119 P P      . DA A 1 5 ? -7.382  6.242   -7.811  1.00 0.00 ? 5 DA A P      1 
ATOM 120 O OP1    . DA A 1 5 ? -6.751  5.015   -7.281  1.00 0.00 ? 5 DA A OP1    1 
ATOM 121 O OP2    . DA A 1 5 ? -6.990  6.747   -9.143  1.00 0.00 ? 5 DA A OP2    1 
ATOM 122 O "O5'"  . DA A 1 5 ? -8.978  6.029   -7.803  1.00 0.00 ? 5 DA A "O5'"  1 
ATOM 123 C "C5'"  . DA A 1 5 ? -9.571  5.021   -8.627  1.00 0.00 ? 5 DA A "C5'"  1 
ATOM 124 C "C4'"  . DA A 1 5 ? -11.074 4.900   -8.393  1.00 0.00 ? 5 DA A "C4'"  1 
ATOM 125 O "O4'"  . DA A 1 5 ? -11.367 4.696   -6.996  1.00 0.00 ? 5 DA A "O4'"  1 
ATOM 126 C "C3'"  . DA A 1 5 ? -11.808 6.159   -8.846  1.00 0.00 ? 5 DA A "C3'"  1 
ATOM 127 O "O3'"  . DA A 1 5 ? -12.579 5.925   -10.039 1.00 0.00 ? 5 DA A "O3'"  1 
ATOM 128 C "C2'"  . DA A 1 5 ? -12.696 6.555   -7.690  1.00 0.00 ? 5 DA A "C2'"  1 
ATOM 129 C "C1'"  . DA A 1 5 ? -12.487 5.510   -6.604  1.00 0.00 ? 5 DA A "C1'"  1 
ATOM 130 N N9     . DA A 1 5 ? -12.258 6.122   -5.279  1.00 0.00 ? 5 DA A N9     1 
ATOM 131 C C8     . DA A 1 5 ? -11.763 7.341   -4.955  1.00 0.00 ? 5 DA A C8     1 
ATOM 132 N N7     . DA A 1 5 ? -11.674 7.635   -3.702  1.00 0.00 ? 5 DA A N7     1 
ATOM 133 C C5     . DA A 1 5 ? -12.169 6.474   -3.102  1.00 0.00 ? 5 DA A C5     1 
ATOM 134 C C6     . DA A 1 5 ? -12.358 6.104   -1.768  1.00 0.00 ? 5 DA A C6     1 
ATOM 135 N N6     . DA A 1 5 ? -12.058 6.902   -0.744  1.00 0.00 ? 5 DA A N6     1 
ATOM 136 N N1     . DA A 1 5 ? -12.868 4.883   -1.530  1.00 0.00 ? 5 DA A N1     1 
ATOM 137 C C2     . DA A 1 5 ? -13.178 4.071   -2.543  1.00 0.00 ? 5 DA A C2     1 
ATOM 138 N N3     . DA A 1 5 ? -13.041 4.319   -3.841  1.00 0.00 ? 5 DA A N3     1 
ATOM 139 C C4     . DA A 1 5 ? -12.527 5.548   -4.055  1.00 0.00 ? 5 DA A C4     1 
ATOM 140 H "H5'"  . DA A 1 5 ? -9.102  4.061   -8.405  1.00 0.00 ? 5 DA A "H5'"  1 
ATOM 141 H "H5''" . DA A 1 5 ? -9.394  5.268   -9.674  1.00 0.00 ? 5 DA A "H5''" 1 
ATOM 142 H "H4'"  . DA A 1 5 ? -11.447 4.048   -8.954  1.00 0.00 ? 5 DA A "H4'"  1 
ATOM 143 H "H3'"  . DA A 1 5 ? -11.081 6.955   -9.027  1.00 0.00 ? 5 DA A "H3'"  1 
ATOM 144 H "H2'"  . DA A 1 5 ? -12.414 7.541   -7.326  1.00 0.00 ? 5 DA A "H2'"  1 
ATOM 145 H "H2''" . DA A 1 5 ? -13.738 6.559   -8.007  1.00 0.00 ? 5 DA A "H2''" 1 
ATOM 146 H "H1'"  . DA A 1 5 ? -13.373 4.885   -6.550  1.00 0.00 ? 5 DA A "H1'"  1 
ATOM 147 H H8     . DA A 1 5 ? -11.457 8.045   -5.724  1.00 0.00 ? 5 DA A H8     1 
ATOM 148 H H61    . DA A 1 5 ? -12.209 6.588   0.205   1.00 0.00 ? 5 DA A H61    1 
ATOM 149 H H62    . DA A 1 5 ? -11.677 7.821   -0.916  1.00 0.00 ? 5 DA A H62    1 
ATOM 150 H H2     . DA A 1 5 ? -13.595 3.098   -2.276  1.00 0.00 ? 5 DA A H2     1 
ATOM 151 P P      . DA A 1 6 ? -13.585 4.666   -10.185 1.00 0.00 ? 6 DA A P      1 
ATOM 152 O OP1    . DA A 1 6 ? -12.775 3.441   -10.332 1.00 0.00 ? 6 DA A OP1    1 
ATOM 153 O OP2    . DA A 1 6 ? -14.588 4.996   -11.215 1.00 0.00 ? 6 DA A OP2    1 
ATOM 154 O "O5'"  . DA A 1 6 ? -14.323 4.614   -8.752  1.00 0.00 ? 6 DA A "O5'"  1 
ATOM 155 C "C5'"  . DA A 1 6 ? -15.732 4.848   -8.640  1.00 0.00 ? 6 DA A "C5'"  1 
ATOM 156 C "C4'"  . DA A 1 6 ? -16.464 3.623   -8.098  1.00 0.00 ? 6 DA A "C4'"  1 
ATOM 157 O "O4'"  . DA A 1 6 ? -15.880 3.187   -6.848  1.00 0.00 ? 6 DA A "O4'"  1 
ATOM 158 C "C3'"  . DA A 1 6 ? -17.933 3.937   -7.855  1.00 0.00 ? 6 DA A "C3'"  1 
ATOM 159 O "O3'"  . DA A 1 6 ? -18.771 3.125   -8.684  1.00 0.00 ? 6 DA A "O3'"  1 
ATOM 160 C "C2'"  . DA A 1 6 ? -18.186 3.655   -6.397  1.00 0.00 ? 6 DA A "C2'"  1 
ATOM 161 C "C1'"  . DA A 1 6 ? -16.876 3.166   -5.804  1.00 0.00 ? 6 DA A "C1'"  1 
ATOM 162 N N9     . DA A 1 6 ? -16.465 4.011   -4.669  1.00 0.00 ? 6 DA A N9     1 
ATOM 163 C C8     . DA A 1 6 ? -15.874 5.232   -4.650  1.00 0.00 ? 6 DA A C8     1 
ATOM 164 N N7     . DA A 1 6 ? -15.619 5.751   -3.494  1.00 0.00 ? 6 DA A N7     1 
ATOM 165 C C5     . DA A 1 6 ? -16.098 4.758   -2.630  1.00 0.00 ? 6 DA A C5     1 
ATOM 166 C C6     . DA A 1 6 ? -16.144 4.652   -1.236  1.00 0.00 ? 6 DA A C6     1 
ATOM 167 N N6     . DA A 1 6 ? -15.676 5.592   -0.418  1.00 0.00 ? 6 DA A N6     1 
ATOM 168 N N1     . DA A 1 6 ? -16.684 3.533   -0.719  1.00 0.00 ? 6 DA A N1     1 
ATOM 169 C C2     . DA A 1 6 ? -17.151 2.575   -1.524  1.00 0.00 ? 6 DA A C2     1 
ATOM 170 N N3     . DA A 1 6 ? -17.155 2.574   -2.848  1.00 0.00 ? 6 DA A N3     1 
ATOM 171 C C4     . DA A 1 6 ? -16.612 3.702   -3.341  1.00 0.00 ? 6 DA A C4     1 
ATOM 172 H "H5'"  . DA A 1 6 ? -16.133 5.095   -9.624  1.00 0.00 ? 6 DA A "H5'"  1 
ATOM 173 H "H5''" . DA A 1 6 ? -15.900 5.689   -7.967  1.00 0.00 ? 6 DA A "H5''" 1 
ATOM 174 H "H4'"  . DA A 1 6 ? -16.388 2.814   -8.825  1.00 0.00 ? 6 DA A "H4'"  1 
ATOM 175 H "H3'"  . DA A 1 6 ? -18.121 4.994   -8.059  1.00 0.00 ? 6 DA A "H3'"  1 
ATOM 176 H "HO3'" . DA A 1 6 ? -18.565 3.342   -9.596  1.00 0.00 ? 6 DA A "HO3'" 1 
ATOM 177 H "H2'"  . DA A 1 6 ? -18.506 4.566   -5.892  1.00 0.00 ? 6 DA A "H2'"  1 
ATOM 178 H "H2''" . DA A 1 6 ? -18.951 2.885   -6.294  1.00 0.00 ? 6 DA A "H2''" 1 
ATOM 179 H "H1'"  . DA A 1 6 ? -17.005 2.141   -5.447  1.00 0.00 ? 6 DA A "H1'"  1 
ATOM 180 H H8     . DA A 1 6 ? -15.616 5.754   -5.573  1.00 0.00 ? 6 DA A H8     1 
ATOM 181 H H61    . DA A 1 6 ? -15.730 5.465   0.582   1.00 0.00 ? 6 DA A H61    1 
ATOM 182 H H62    . DA A 1 6 ? -15.264 6.432   -0.799  1.00 0.00 ? 6 DA A H62    1 
ATOM 183 H H2     . DA A 1 6 ? -17.572 1.696   -1.043  1.00 0.00 ? 6 DA A H2     1 
ATOM 184 O "O5'"  . DC B 1 1 ? -9.312  8.740   5.370   1.00 0.00 ? 1 DC B "O5'"  1 
ATOM 185 C "C5'"  . DC B 1 1 ? -8.703  8.282   6.582   1.00 0.00 ? 1 DC B "C5'"  1 
ATOM 186 C "C4'"  . DC B 1 1 ? -8.612  6.757   6.626   1.00 0.00 ? 1 DC B "C4'"  1 
ATOM 187 O "O4'"  . DC B 1 1 ? -9.534  6.165   5.689   1.00 0.00 ? 1 DC B "O4'"  1 
ATOM 188 C "C3'"  . DC B 1 1 ? -7.212  6.273   6.280   1.00 0.00 ? 1 DC B "C3'"  1 
ATOM 189 O "O3'"  . DC B 1 1 ? -6.525  5.796   7.442   1.00 0.00 ? 1 DC B "O3'"  1 
ATOM 190 C "C2'"  . DC B 1 1 ? -7.399  5.176   5.272   1.00 0.00 ? 1 DC B "C2'"  1 
ATOM 191 C "C1'"  . DC B 1 1 ? -8.848  5.237   4.826   1.00 0.00 ? 1 DC B "C1'"  1 
ATOM 192 N N1     . DC B 1 1 ? -8.938  5.679   3.418   1.00 0.00 ? 1 DC B N1     1 
ATOM 193 C C2     . DC B 1 1 ? -9.437  4.786   2.474   1.00 0.00 ? 1 DC B C2     1 
ATOM 194 O O2     . DC B 1 1 ? -9.821  3.668   2.815   1.00 0.00 ? 1 DC B O2     1 
ATOM 195 N N3     . DC B 1 1 ? -9.498  5.192   1.177   1.00 0.00 ? 1 DC B N3     1 
ATOM 196 C C4     . DC B 1 1 ? -9.094  6.418   0.817   1.00 0.00 ? 1 DC B C4     1 
ATOM 197 N N4     . DC B 1 1 ? -9.157  6.780   -0.464  1.00 0.00 ? 1 DC B N4     1 
ATOM 198 C C5     . DC B 1 1 ? -8.587  7.339   1.783   1.00 0.00 ? 1 DC B C5     1 
ATOM 199 C C6     . DC B 1 1 ? -8.526  6.933   3.062   1.00 0.00 ? 1 DC B C6     1 
ATOM 200 H "H5'"  . DC B 1 1 ? -9.296  8.626   7.428   1.00 0.00 ? 1 DC B "H5'"  1 
ATOM 201 H "H5''" . DC B 1 1 ? -7.701  8.703   6.657   1.00 0.00 ? 1 DC B "H5''" 1 
ATOM 202 H "H4'"  . DC B 1 1 ? -8.864  6.413   7.626   1.00 0.00 ? 1 DC B "H4'"  1 
ATOM 203 H "H3'"  . DC B 1 1 ? -6.650  7.087   5.823   1.00 0.00 ? 1 DC B "H3'"  1 
ATOM 204 H "H2'"  . DC B 1 1 ? -6.739  5.337   4.423   1.00 0.00 ? 1 DC B "H2'"  1 
ATOM 205 H "H2''" . DC B 1 1 ? -7.189  4.209   5.730   1.00 0.00 ? 1 DC B "H2''" 1 
ATOM 206 H "H1'"  . DC B 1 1 ? -9.297  4.254   4.931   1.00 0.00 ? 1 DC B "H1'"  1 
ATOM 207 H H41    . DC B 1 1 ? -9.499  6.130   -1.156  1.00 0.00 ? 1 DC B H41    1 
ATOM 208 H H42    . DC B 1 1 ? -8.850  7.701   -0.742  1.00 0.00 ? 1 DC B H42    1 
ATOM 209 H H5     . DC B 1 1 ? -8.260  8.338   1.493   1.00 0.00 ? 1 DC B H5     1 
ATOM 210 H H6     . DC B 1 1 ? -8.142  7.611   3.824   1.00 0.00 ? 1 DC B H6     1 
ATOM 211 H "HO5'" . DC B 1 1 ? -9.979  8.095   5.123   1.00 0.00 ? 1 DC B "HO5'" 1 
ATOM 212 P P      . DC B 1 2 ? -4.921  5.635   7.435   1.00 0.00 ? 2 DC B P      1 
ATOM 213 O OP1    . DC B 1 2 ? -4.447  5.663   8.837   1.00 0.00 ? 2 DC B OP1    1 
ATOM 214 O OP2    . DC B 1 2 ? -4.360  6.585   6.448   1.00 0.00 ? 2 DC B OP2    1 
ATOM 215 O "O5'"  . DC B 1 2 ? -4.720  4.142   6.866   1.00 0.00 ? 2 DC B "O5'"  1 
ATOM 216 C "C5'"  . DC B 1 2 ? -5.291  3.024   7.550   1.00 0.00 ? 2 DC B "C5'"  1 
ATOM 217 C "C4'"  . DC B 1 2 ? -4.993  1.710   6.836   1.00 0.00 ? 2 DC B "C4'"  1 
ATOM 218 O "O4'"  . DC B 1 2 ? -5.389  1.773   5.450   1.00 0.00 ? 2 DC B "O4'"  1 
ATOM 219 C "C3'"  . DC B 1 2 ? -3.508  1.384   6.887   1.00 0.00 ? 2 DC B "C3'"  1 
ATOM 220 O "O3'"  . DC B 1 2 ? -3.251  0.311   7.799   1.00 0.00 ? 2 DC B "O3'"  1 
ATOM 221 C "C2'"  . DC B 1 2 ? -3.122  1.003   5.481   1.00 0.00 ? 2 DC B "C2'"  1 
ATOM 222 C "C1'"  . DC B 1 2 ? -4.341  1.250   4.607   1.00 0.00 ? 2 DC B "C1'"  1 
ATOM 223 N N1     . DC B 1 2 ? -4.025  2.190   3.514   1.00 0.00 ? 2 DC B N1     1 
ATOM 224 C C2     . DC B 1 2 ? -4.213  1.747   2.212   1.00 0.00 ? 2 DC B C2     1 
ATOM 225 O O2     . DC B 1 2 ? -4.640  0.613   1.996   1.00 0.00 ? 2 DC B O2     1 
ATOM 226 N N3     . DC B 1 2 ? -3.921  2.599   1.194   1.00 0.00 ? 2 DC B N3     1 
ATOM 227 C C4     . DC B 1 2 ? -3.465  3.834   1.437   1.00 0.00 ? 2 DC B C4     1 
ATOM 228 N N4     . DC B 1 2 ? -3.189  4.638   0.410   1.00 0.00 ? 2 DC B N4     1 
ATOM 229 C C5     . DC B 1 2 ? -3.270  4.296   2.777   1.00 0.00 ? 2 DC B C5     1 
ATOM 230 C C6     . DC B 1 2 ? -3.560  3.446   3.780   1.00 0.00 ? 2 DC B C6     1 
ATOM 231 H "H5'"  . DC B 1 2 ? -6.371  3.158   7.609   1.00 0.00 ? 2 DC B "H5'"  1 
ATOM 232 H "H5''" . DC B 1 2 ? -4.884  2.980   8.560   1.00 0.00 ? 2 DC B "H5''" 1 
ATOM 233 H "H4'"  . DC B 1 2 ? -5.547  0.909   7.324   1.00 0.00 ? 2 DC B "H4'"  1 
ATOM 234 H "H3'"  . DC B 1 2 ? -2.950  2.275   7.185   1.00 0.00 ? 2 DC B "H3'"  1 
ATOM 235 H "H2'"  . DC B 1 2 ? -2.289  1.620   5.144   1.00 0.00 ? 2 DC B "H2'"  1 
ATOM 236 H "H2''" . DC B 1 2 ? -2.844  -0.050  5.444   1.00 0.00 ? 2 DC B "H2''" 1 
ATOM 237 H "H1'"  . DC B 1 2 ? -4.671  0.304   4.178   1.00 0.00 ? 2 DC B "H1'"  1 
ATOM 238 H H41    . DC B 1 2 ? -3.326  4.309   -0.536  1.00 0.00 ? 2 DC B H41    1 
ATOM 239 H H42    . DC B 1 2 ? -2.843  5.572   0.575   1.00 0.00 ? 2 DC B H42    1 
ATOM 240 H H5     . DC B 1 2 ? -2.899  5.301   2.978   1.00 0.00 ? 2 DC B H5     1 
ATOM 241 H H6     . DC B 1 2 ? -3.421  3.762   4.817   1.00 0.00 ? 2 DC B H6     1 
ATOM 242 P P      . DC B 1 3 ? -1.853  0.223   8.594   1.00 0.00 ? 3 DC B P      1 
ATOM 243 O OP1    . DC B 1 3 ? -1.630  -1.178  8.984   1.00 0.00 ? 3 DC B OP1    1 
ATOM 244 O OP2    . DC B 1 3 ? -1.842  1.270   9.630   1.00 0.00 ? 3 DC B OP2    1 
ATOM 245 O "O5'"  . DC B 1 3 ? -0.774  0.618   7.462   1.00 0.00 ? 3 DC B "O5'"  1 
ATOM 246 C "C5'"  . DC B 1 3 ? 0.532   0.031   7.456   1.00 0.00 ? 3 DC B "C5'"  1 
ATOM 247 C "C4'"  . DC B 1 3 ? 0.541   -1.309  6.725   1.00 0.00 ? 3 DC B "C4'"  1 
ATOM 248 O "O4'"  . DC B 1 3 ? 0.095   -1.147  5.361   1.00 0.00 ? 3 DC B "O4'"  1 
ATOM 249 C "C3'"  . DC B 1 3 ? 1.942   -1.907  6.704   1.00 0.00 ? 3 DC B "C3'"  1 
ATOM 250 O "O3'"  . DC B 1 3 ? 1.987   -3.126  7.455   1.00 0.00 ? 3 DC B "O3'"  1 
ATOM 251 C "C2'"  . DC B 1 3 ? 2.265   -2.157  5.254   1.00 0.00 ? 3 DC B "C2'"  1 
ATOM 252 C "C1'"  . DC B 1 3 ? 1.072   -1.679  4.442   1.00 0.00 ? 3 DC B "C1'"  1 
ATOM 253 N N1     . DC B 1 3 ? 1.482   -0.655  3.455   1.00 0.00 ? 3 DC B N1     1 
ATOM 254 C C2     . DC B 1 3 ? 1.304   -0.951  2.110   1.00 0.00 ? 3 DC B C2     1 
ATOM 255 O O2     . DC B 1 3 ? 0.811   -2.025  1.771   1.00 0.00 ? 3 DC B O2     1 
ATOM 256 N N3     . DC B 1 3 ? 1.686   -0.024  1.191   1.00 0.00 ? 3 DC B N3     1 
ATOM 257 C C4     . DC B 1 3 ? 2.220   1.144   1.569   1.00 0.00 ? 3 DC B C4     1 
ATOM 258 N N4     . DC B 1 3 ? 2.587   2.023   0.637   1.00 0.00 ? 3 DC B N4     1 
ATOM 259 C C5     . DC B 1 3 ? 2.406   1.455   2.952   1.00 0.00 ? 3 DC B C5     1 
ATOM 260 C C6     . DC B 1 3 ? 2.025   0.534   3.857   1.00 0.00 ? 3 DC B C6     1 
ATOM 261 H "H5'"  . DC B 1 3 ? 0.859   -0.122  8.485   1.00 0.00 ? 3 DC B "H5'"  1 
ATOM 262 H "H5''" . DC B 1 3 ? 1.224   0.712   6.960   1.00 0.00 ? 3 DC B "H5''" 1 
ATOM 263 H "H4'"  . DC B 1 3 ? -0.130  -1.997  7.236   1.00 0.00 ? 3 DC B "H4'"  1 
ATOM 264 H "H3'"  . DC B 1 3 ? 2.653   -1.187  7.117   1.00 0.00 ? 3 DC B "H3'"  1 
ATOM 265 H "H2'"  . DC B 1 3 ? 3.159   -1.602  4.969   1.00 0.00 ? 3 DC B "H2'"  1 
ATOM 266 H "H2''" . DC B 1 3 ? 2.421   -3.222  5.091   1.00 0.00 ? 3 DC B "H2''" 1 
ATOM 267 H "H1'"  . DC B 1 3 ? 0.638   -2.527  3.913   1.00 0.00 ? 3 DC B "H1'"  1 
ATOM 268 H H41    . DC B 1 3 ? 2.456   1.805   -0.341  1.00 0.00 ? 3 DC B H41    1 
ATOM 269 H H42    . DC B 1 3 ? 2.995   2.907   0.908   1.00 0.00 ? 3 DC B H42    1 
ATOM 270 H H5     . DC B 1 3 ? 2.841   2.405   3.262   1.00 0.00 ? 3 DC B H5     1 
ATOM 271 H H6     . DC B 1 3 ? 2.152   0.738   4.920   1.00 0.00 ? 3 DC B H6     1 
ATOM 272 P P      . DC B 1 4 ? 3.342   -3.590  8.198   1.00 0.00 ? 4 DC B P      1 
ATOM 273 O OP1    . DC B 1 4 ? 3.228   -5.028  8.509   1.00 0.00 ? 4 DC B OP1    1 
ATOM 274 O OP2    . DC B 1 4 ? 3.626   -2.633  9.284   1.00 0.00 ? 4 DC B OP2    1 
ATOM 275 O "O5'"  . DC B 1 4 ? 4.462   -3.405  7.054   1.00 0.00 ? 4 DC B "O5'"  1 
ATOM 276 C "C5'"  . DC B 1 4 ? 5.736   -4.051  7.162   1.00 0.00 ? 4 DC B "C5'"  1 
ATOM 277 C "C4'"  . DC B 1 4 ? 5.819   -5.281  6.262   1.00 0.00 ? 4 DC B "C4'"  1 
ATOM 278 O "O4'"  . DC B 1 4 ? 5.428   -4.954  4.916   1.00 0.00 ? 4 DC B "O4'"  1 
ATOM 279 C "C3'"  . DC B 1 4 ? 7.236   -5.840  6.222   1.00 0.00 ? 4 DC B "C3'"  1 
ATOM 280 O "O3'"  . DC B 1 4 ? 7.338   -7.076  6.948   1.00 0.00 ? 4 DC B "O3'"  1 
ATOM 281 C "C2'"  . DC B 1 4 ? 7.564   -6.028  4.766   1.00 0.00 ? 4 DC B "C2'"  1 
ATOM 282 C "C1'"  . DC B 1 4 ? 6.448   -5.360  3.982   1.00 0.00 ? 4 DC B "C1'"  1 
ATOM 283 N N1     . DC B 1 4 ? 6.955   -4.190  3.241   1.00 0.00 ? 4 DC B N1     1 
ATOM 284 C C2     . DC B 1 4 ? 6.615   -4.068  1.900   1.00 0.00 ? 4 DC B C2     1 
ATOM 285 O O2     . DC B 1 4 ? 5.949   -4.939  1.346   1.00 0.00 ? 4 DC B O2     1 
ATOM 286 N N3     . DC B 1 4 ? 7.056   -2.971  1.224   1.00 0.00 ? 4 DC B N3     1 
ATOM 287 C C4     . DC B 1 4 ? 7.799   -2.039  1.836   1.00 0.00 ? 4 DC B C4     1 
ATOM 288 N N4     . DC B 1 4 ? 8.206   -0.971  1.151   1.00 0.00 ? 4 DC B N4     1 
ATOM 289 C C5     . DC B 1 4 ? 8.153   -2.170  3.214   1.00 0.00 ? 4 DC B C5     1 
ATOM 290 C C6     . DC B 1 4 ? 7.711   -3.252  3.872   1.00 0.00 ? 4 DC B C6     1 
ATOM 291 H "H5'"  . DC B 1 4 ? 5.897   -4.356  8.197   1.00 0.00 ? 4 DC B "H5'"  1 
ATOM 292 H "H5''" . DC B 1 4 ? 6.516   -3.347  6.875   1.00 0.00 ? 4 DC B "H5''" 1 
ATOM 293 H "H4'"  . DC B 1 4 ? 5.147   -6.047  6.641   1.00 0.00 ? 4 DC B "H4'"  1 
ATOM 294 H "H3'"  . DC B 1 4 ? 7.924   -5.105  6.645   1.00 0.00 ? 4 DC B "H3'"  1 
ATOM 295 H "H2'"  . DC B 1 4 ? 8.519   -5.559  4.534   1.00 0.00 ? 4 DC B "H2'"  1 
ATOM 296 H "H2''" . DC B 1 4 ? 7.604   -7.090  4.525   1.00 0.00 ? 4 DC B "H2''" 1 
ATOM 297 H "H1'"  . DC B 1 4 ? 6.026   -6.073  3.286   1.00 0.00 ? 4 DC B "H1'"  1 
ATOM 298 H H41    . DC B 1 4 ? 7.959   -0.870  0.178   1.00 0.00 ? 4 DC B H41    1 
ATOM 299 H H42    . DC B 1 4 ? 8.762   -0.262  1.607   1.00 0.00 ? 4 DC B H42    1 
ATOM 300 H H5     . DC B 1 4 ? 8.777   -1.430  3.709   1.00 0.00 ? 4 DC B H5     1 
ATOM 301 H H6     . DC B 1 4 ? 7.959   -3.384  4.923   1.00 0.00 ? 4 DC B H6     1 
ATOM 302 P P      . DA B 1 5 ? 6.435   -8.362  6.570   1.00 0.00 ? 5 DA B P      1 
ATOM 303 O OP1    . DA B 1 5 ? 5.433   -7.957  5.560   1.00 0.00 ? 5 DA B OP1    1 
ATOM 304 O OP2    . DA B 1 5 ? 5.988   -8.996  7.827   1.00 0.00 ? 5 DA B OP2    1 
ATOM 305 O "O5'"  . DA B 1 5 ? 7.494   -9.344  5.858   1.00 0.00 ? 5 DA B "O5'"  1 
ATOM 306 C "C5'"  . DA B 1 5 ? 7.068   -10.610 5.348   1.00 0.00 ? 5 DA B "C5'"  1 
ATOM 307 C "C4'"  . DA B 1 5 ? 8.190   -11.340 4.617   1.00 0.00 ? 5 DA B "C4'"  1 
ATOM 308 O "O4'"  . DA B 1 5 ? 8.762   -10.513 3.585   1.00 0.00 ? 5 DA B "O4'"  1 
ATOM 309 C "C3'"  . DA B 1 5 ? 9.309   -11.738 5.572   1.00 0.00 ? 5 DA B "C3'"  1 
ATOM 310 O "O3'"  . DA B 1 5 ? 9.335   -13.161 5.799   1.00 0.00 ? 5 DA B "O3'"  1 
ATOM 311 C "C2'"  . DA B 1 5 ? 10.589  -11.264 4.927   1.00 0.00 ? 5 DA B "C2'"  1 
ATOM 312 C "C1'"  . DA B 1 5 ? 10.197  -10.626 3.601   1.00 0.00 ? 5 DA B "C1'"  1 
ATOM 313 N N9     . DA B 1 5 ? 10.835  -9.307  3.408   1.00 0.00 ? 5 DA B N9     1 
ATOM 314 C C8     . DA B 1 5 ? 11.286  -8.414  4.321   1.00 0.00 ? 5 DA B C8     1 
ATOM 315 N N7     . DA B 1 5 ? 11.816  -7.323  3.879   1.00 0.00 ? 5 DA B N7     1 
ATOM 316 C C5     . DA B 1 5 ? 11.711  -7.499  2.497   1.00 0.00 ? 5 DA B C5     1 
ATOM 317 C C6     . DA B 1 5 ? 12.087  -6.704  1.411   1.00 0.00 ? 5 DA B C6     1 
ATOM 318 N N6     . DA B 1 5 ? 12.676  -5.516  1.548   1.00 0.00 ? 5 DA B N6     1 
ATOM 319 N N1     . DA B 1 5 ? 11.836  -7.181  0.178   1.00 0.00 ? 5 DA B N1     1 
ATOM 320 C C2     . DA B 1 5 ? 11.250  -8.368  0.019   1.00 0.00 ? 5 DA B C2     1 
ATOM 321 N N3     . DA B 1 5 ? 10.853  -9.201  0.976   1.00 0.00 ? 5 DA B N3     1 
ATOM 322 C C4     . DA B 1 5 ? 11.115  -8.703  2.201   1.00 0.00 ? 5 DA B C4     1 
ATOM 323 H "H5'"  . DA B 1 5 ? 6.239   -10.453 4.658   1.00 0.00 ? 5 DA B "H5'"  1 
ATOM 324 H "H5''" . DA B 1 5 ? 6.724   -11.229 6.178   1.00 0.00 ? 5 DA B "H5''" 1 
ATOM 325 H "H4'"  . DA B 1 5 ? 7.779   -12.235 4.155   1.00 0.00 ? 5 DA B "H4'"  1 
ATOM 326 H "H3'"  . DA B 1 5 ? 9.173   -11.216 6.523   1.00 0.00 ? 5 DA B "H3'"  1 
ATOM 327 H "H2'"  . DA B 1 5 ? 11.081  -10.534 5.568   1.00 0.00 ? 5 DA B "H2'"  1 
ATOM 328 H "H2''" . DA B 1 5 ? 11.252  -12.110 4.751   1.00 0.00 ? 5 DA B "H2''" 1 
ATOM 329 H "H1'"  . DA B 1 5 ? 10.506  -11.284 2.794   1.00 0.00 ? 5 DA B "H1'"  1 
ATOM 330 H H8     . DA B 1 5 ? 11.208  -8.613  5.387   1.00 0.00 ? 5 DA B H8     1 
ATOM 331 H H61    . DA B 1 5 ? 12.927  -4.977  0.733   1.00 0.00 ? 5 DA B H61    1 
ATOM 332 H H62    . DA B 1 5 ? 12.868  -5.154  2.471   1.00 0.00 ? 5 DA B H62    1 
ATOM 333 H H2     . DA B 1 5 ? 11.085  -8.695  -1.009  1.00 0.00 ? 5 DA B H2     1 
ATOM 334 P P      . DA B 1 6 ? 9.302   -14.228 4.584   1.00 0.00 ? 6 DA B P      1 
ATOM 335 O OP1    . DA B 1 6 ? 7.943   -14.233 4.008   1.00 0.00 ? 6 DA B OP1    1 
ATOM 336 O OP2    . DA B 1 6 ? 9.885   -15.493 5.068   1.00 0.00 ? 6 DA B OP2    1 
ATOM 337 O "O5'"  . DA B 1 6 ? 10.307  -13.585 3.499   1.00 0.00 ? 6 DA B "O5'"  1 
ATOM 338 C "C5'"  . DA B 1 6 ? 11.521  -14.249 3.134   1.00 0.00 ? 6 DA B "C5'"  1 
ATOM 339 C "C4'"  . DA B 1 6 ? 11.533  -14.623 1.655   1.00 0.00 ? 6 DA B "C4'"  1 
ATOM 340 O "O4'"  . DA B 1 6 ? 11.271  -13.463 0.832   1.00 0.00 ? 6 DA B "O4'"  1 
ATOM 341 C "C3'"  . DA B 1 6 ? 12.884  -15.198 1.255   1.00 0.00 ? 6 DA B "C3'"  1 
ATOM 342 O "O3'"  . DA B 1 6 ? 12.750  -16.554 0.815   1.00 0.00 ? 6 DA B "O3'"  1 
ATOM 343 C "C2'"  . DA B 1 6 ? 13.401  -14.322 0.144   1.00 0.00 ? 6 DA B "C2'"  1 
ATOM 344 C "C1'"  . DA B 1 6 ? 12.348  -13.255 -0.106  1.00 0.00 ? 6 DA B "C1'"  1 
ATOM 345 N N9     . DA B 1 6 ? 12.923  -11.906 0.042   1.00 0.00 ? 6 DA B N9     1 
ATOM 346 C C8     . DA B 1 6 ? 13.201  -11.186 1.158   1.00 0.00 ? 6 DA B C8     1 
ATOM 347 N N7     . DA B 1 6 ? 13.707  -10.009 0.994   1.00 0.00 ? 6 DA B N7     1 
ATOM 348 C C5     . DA B 1 6 ? 13.778  -9.926  -0.401  1.00 0.00 ? 6 DA B C5     1 
ATOM 349 C C6     . DA B 1 6 ? 14.222  -8.928  -1.275  1.00 0.00 ? 6 DA B C6     1 
ATOM 350 N N6     . DA B 1 6 ? 14.699  -7.757  -0.858  1.00 0.00 ? 6 DA B N6     1 
ATOM 351 N N1     . DA B 1 6 ? 14.147  -9.181  -2.594  1.00 0.00 ? 6 DA B N1     1 
ATOM 352 C C2     . DA B 1 6 ? 13.663  -10.347 -3.030  1.00 0.00 ? 6 DA B C2     1 
ATOM 353 N N3     . DA B 1 6 ? 13.217  -11.353 -2.295  1.00 0.00 ? 6 DA B N3     1 
ATOM 354 C C4     . DA B 1 6 ? 13.302  -11.076 -0.982  1.00 0.00 ? 6 DA B C4     1 
ATOM 355 H "H5'"  . DA B 1 6 ? 11.627  -15.155 3.731   1.00 0.00 ? 6 DA B "H5'"  1 
ATOM 356 H "H5''" . DA B 1 6 ? 12.363  -13.588 3.341   1.00 0.00 ? 6 DA B "H5''" 1 
ATOM 357 H "H4'"  . DA B 1 6 ? 10.760  -15.368 1.471   1.00 0.00 ? 6 DA B "H4'"  1 
ATOM 358 H "H3'"  . DA B 1 6 ? 13.570  -15.150 2.104   1.00 0.00 ? 6 DA B "H3'"  1 
ATOM 359 H "HO3'" . DA B 1 6 ? 12.416  -17.063 1.557   1.00 0.00 ? 6 DA B "HO3'" 1 
ATOM 360 H "H2'"  . DA B 1 6 ? 14.340  -13.856 0.443   1.00 0.00 ? 6 DA B "H2'"  1 
ATOM 361 H "H2''" . DA B 1 6 ? 13.551  -14.915 -0.759  1.00 0.00 ? 6 DA B "H2''" 1 
ATOM 362 H "H1'"  . DA B 1 6 ? 11.966  -13.361 -1.124  1.00 0.00 ? 6 DA B "H1'"  1 
ATOM 363 H H8     . DA B 1 6 ? 13.001  -11.583 2.154   1.00 0.00 ? 6 DA B H8     1 
ATOM 364 H H61    . DA B 1 6 ? 15.005  -7.067  -1.530  1.00 0.00 ? 6 DA B H61    1 
ATOM 365 H H62    . DA B 1 6 ? 14.753  -7.556  0.131   1.00 0.00 ? 6 DA B H62    1 
ATOM 366 H H2     . DA B 1 6 ? 13.628  -10.486 -4.108  1.00 0.00 ? 6 DA B H2     1 
ATOM 367 O "O5'"  . DC C 1 1 ? 8.452   -10.921 -0.959  1.00 0.00 ? 1 DC C "O5'"  1 
ATOM 368 C "C5'"  . DC C 1 1 ? 7.442   -11.490 -0.119  1.00 0.00 ? 1 DC C "C5'"  1 
ATOM 369 C "C4'"  . DC C 1 1 ? 7.110   -10.578 1.061   1.00 0.00 ? 1 DC C "C4'"  1 
ATOM 370 O "O4'"  . DC C 1 1 ? 8.173   -9.630  1.288   1.00 0.00 ? 1 DC C "O4'"  1 
ATOM 371 C "C3'"  . DC C 1 1 ? 5.829   -9.798  0.816   1.00 0.00 ? 1 DC C "C3'"  1 
ATOM 372 O "O3'"  . DC C 1 1 ? 4.750   -10.307 1.608   1.00 0.00 ? 1 DC C "O3'"  1 
ATOM 373 C "C2'"  . DC C 1 1 ? 6.143   -8.375  1.175   1.00 0.00 ? 1 DC C "C2'"  1 
ATOM 374 C "C1'"  . DC C 1 1 ? 7.652   -8.287  1.320   1.00 0.00 ? 1 DC C "C1'"  1 
ATOM 375 N N1     . DC C 1 1 ? 8.230   -7.486  0.220   1.00 0.00 ? 1 DC C N1     1 
ATOM 376 C C2     . DC C 1 1 ? 8.851   -6.282  0.537   1.00 0.00 ? 1 DC C C2     1 
ATOM 377 O O2     . DC C 1 1 ? 8.944   -5.913  1.707   1.00 0.00 ? 1 DC C O2     1 
ATOM 378 N N3     . DC C 1 1 ? 9.362   -5.538  -0.482  1.00 0.00 ? 1 DC C N3     1 
ATOM 379 C C4     . DC C 1 1 ? 9.273   -5.954  -1.753  1.00 0.00 ? 1 DC C C4     1 
ATOM 380 N N4     . DC C 1 1 ? 9.773   -5.197  -2.728  1.00 0.00 ? 1 DC C N4     1 
ATOM 381 C C5     . DC C 1 1 ? 8.639   -7.192  -2.079  1.00 0.00 ? 1 DC C C5     1 
ATOM 382 C C6     . DC C 1 1 ? 8.135   -7.920  -1.070  1.00 0.00 ? 1 DC C C6     1 
ATOM 383 H "H5'"  . DC C 1 1 ? 7.797   -12.447 0.263   1.00 0.00 ? 1 DC C "H5'"  1 
ATOM 384 H "H5''" . DC C 1 1 ? 6.541   -11.656 -0.709  1.00 0.00 ? 1 DC C "H5''" 1 
ATOM 385 H "H4'"  . DC C 1 1 ? 6.986   -11.181 1.956   1.00 0.00 ? 1 DC C "H4'"  1 
ATOM 386 H "H3'"  . DC C 1 1 ? 5.572   -9.848  -0.243  1.00 0.00 ? 1 DC C "H3'"  1 
ATOM 387 H "H2'"  . DC C 1 1 ? 5.803   -7.709  0.387   1.00 0.00 ? 1 DC C "H2'"  1 
ATOM 388 H "H2''" . DC C 1 1 ? 5.662   -8.113  2.118   1.00 0.00 ? 1 DC C "H2''" 1 
ATOM 389 H "H1'"  . DC C 1 1 ? 7.895   -7.832  2.274   1.00 0.00 ? 1 DC C "H1'"  1 
ATOM 390 H H41    . DC C 1 1 ? 10.208  -4.313  -2.509  1.00 0.00 ? 1 DC C H41    1 
ATOM 391 H H42    . DC C 1 1 ? 9.705   -5.502  -3.689  1.00 0.00 ? 1 DC C H42    1 
ATOM 392 H H5     . DC C 1 1 ? 8.565   -7.535  -3.111  1.00 0.00 ? 1 DC C H5     1 
ATOM 393 H H6     . DC C 1 1 ? 7.645   -8.869  -1.284  1.00 0.00 ? 1 DC C H6     1 
ATOM 394 H "HO5'" . DC C 1 1 ? 9.060   -10.441 -0.392  1.00 0.00 ? 1 DC C "HO5'" 1 
ATOM 395 P P      . DC C 1 2 ? 3.221   -9.947  1.243   1.00 0.00 ? 2 DC C P      1 
ATOM 396 O OP1    . DC C 1 2 ? 2.346   -10.975 1.851   1.00 0.00 ? 2 DC C OP1    1 
ATOM 397 O OP2    . DC C 1 2 ? 3.140   -9.675  -0.210  1.00 0.00 ? 2 DC C OP2    1 
ATOM 398 O "O5'"  . DC C 1 2 ? 2.989   -8.561  2.028   1.00 0.00 ? 2 DC C "O5'"  1 
ATOM 399 C "C5'"  . DC C 1 2 ? 3.142   -8.497  3.449   1.00 0.00 ? 2 DC C "C5'"  1 
ATOM 400 C "C4'"  . DC C 1 2 ? 2.881   -7.093  3.983   1.00 0.00 ? 2 DC C "C4'"  1 
ATOM 401 O "O4'"  . DC C 1 2 ? 3.685   -6.117  3.287   1.00 0.00 ? 2 DC C "O4'"  1 
ATOM 402 C "C3'"  . DC C 1 2 ? 1.420   -6.707  3.815   1.00 0.00 ? 2 DC C "C3'"  1 
ATOM 403 O "O3'"  . DC C 1 2 ? 0.739   -6.716  5.074   1.00 0.00 ? 2 DC C "O3'"  1 
ATOM 404 C "C2'"  . DC C 1 2 ? 1.426   -5.325  3.213   1.00 0.00 ? 2 DC C "C2'"  1 
ATOM 405 C "C1'"  . DC C 1 2 ? 2.876   -4.985  2.905   1.00 0.00 ? 2 DC C "C1'"  1 
ATOM 406 N N1     . DC C 1 2 ? 3.050   -4.670  1.473   1.00 0.00 ? 2 DC C N1     1 
ATOM 407 C C2     . DC C 1 2 ? 3.556   -3.418  1.149   1.00 0.00 ? 2 DC C C2     1 
ATOM 408 O O2     . DC C 1 2 ? 3.852   -2.619  2.035   1.00 0.00 ? 2 DC C O2     1 
ATOM 409 N N3     . DC C 1 2 ? 3.719   -3.112  -0.165  1.00 0.00 ? 2 DC C N3     1 
ATOM 410 C C4     . DC C 1 2 ? 3.404   -3.990  -1.124  1.00 0.00 ? 2 DC C C4     1 
ATOM 411 N N4     . DC C 1 2 ? 3.577   -3.647  -2.400  1.00 0.00 ? 2 DC C N4     1 
ATOM 412 C C5     . DC C 1 2 ? 2.883   -5.283  -0.796  1.00 0.00 ? 2 DC C C5     1 
ATOM 413 C C6     . DC C 1 2 ? 2.722   -5.580  0.508   1.00 0.00 ? 2 DC C C6     1 
ATOM 414 H "H5'"  . DC C 1 2 ? 4.159   -8.793  3.710   1.00 0.00 ? 2 DC C "H5'"  1 
ATOM 415 H "H5''" . DC C 1 2 ? 2.441   -9.191  3.913   1.00 0.00 ? 2 DC C "H5''" 1 
ATOM 416 H "H4'"  . DC C 1 2 ? 3.134   -7.065  5.042   1.00 0.00 ? 2 DC C "H4'"  1 
ATOM 417 H "H3'"  . DC C 1 2 ? 0.938   -7.400  3.121   1.00 0.00 ? 2 DC C "H3'"  1 
ATOM 418 H "H2'"  . DC C 1 2 ? 0.836   -5.316  2.297   1.00 0.00 ? 2 DC C "H2'"  1 
ATOM 419 H "H2''" . DC C 1 2 ? 1.018   -4.609  3.925   1.00 0.00 ? 2 DC C "H2''" 1 
ATOM 420 H "H1'"  . DC C 1 2 ? 3.173   -4.121  3.497   1.00 0.00 ? 2 DC C "H1'"  1 
ATOM 421 H H41    . DC C 1 2 ? 3.944   -2.734  -2.630  1.00 0.00 ? 2 DC C H41    1 
ATOM 422 H H42    . DC C 1 2 ? 3.343   -4.298  -3.136  1.00 0.00 ? 2 DC C H42    1 
ATOM 423 H H5     . DC C 1 2 ? 2.623   -6.000  -1.575  1.00 0.00 ? 2 DC C H5     1 
ATOM 424 H H6     . DC C 1 2 ? 2.324   -6.553  0.797   1.00 0.00 ? 2 DC C H6     1 
ATOM 425 P P      . DC C 1 3 ? -0.833  -7.061  5.160   1.00 0.00 ? 3 DC C P      1 
ATOM 426 O OP1    . DC C 1 3 ? -1.372  -6.456  6.395   1.00 0.00 ? 3 DC C OP1    1 
ATOM 427 O OP2    . DC C 1 3 ? -1.003  -8.510  4.921   1.00 0.00 ? 3 DC C OP2    1 
ATOM 428 O "O5'"  . DC C 1 3 ? -1.441  -6.266  3.896   1.00 0.00 ? 3 DC C "O5'"  1 
ATOM 429 C "C5'"  . DC C 1 3 ? -2.757  -5.703  3.946   1.00 0.00 ? 3 DC C "C5'"  1 
ATOM 430 C "C4'"  . DC C 1 3 ? -2.748  -4.312  4.577   1.00 0.00 ? 3 DC C "C4'"  1 
ATOM 431 O "O4'"  . DC C 1 3 ? -1.889  -3.421  3.831   1.00 0.00 ? 3 DC C "O4'"  1 
ATOM 432 C "C3'"  . DC C 1 3 ? -4.150  -3.718  4.603   1.00 0.00 ? 3 DC C "C3'"  1 
ATOM 433 O "O3'"  . DC C 1 3 ? -4.606  -3.543  5.949   1.00 0.00 ? 3 DC C "O3'"  1 
ATOM 434 C "C2'"  . DC C 1 3 ? -4.052  -2.391  3.895   1.00 0.00 ? 3 DC C "C2'"  1 
ATOM 435 C "C1'"  . DC C 1 3 ? -2.611  -2.236  3.435   1.00 0.00 ? 3 DC C "C1'"  1 
ATOM 436 N N1     . DC C 1 3 ? -2.544  -2.041  1.970   1.00 0.00 ? 3 DC C N1     1 
ATOM 437 C C2     . DC C 1 3 ? -2.012  -0.845  1.505   1.00 0.00 ? 3 DC C C2     1 
ATOM 438 O O2     . DC C 1 3 ? -1.608  0.005   2.297   1.00 0.00 ? 3 DC C O2     1 
ATOM 439 N N3     . DC C 1 3 ? -1.953  -0.646  0.161   1.00 0.00 ? 3 DC C N3     1 
ATOM 440 C C4     . DC C 1 3 ? -2.393  -1.576  -0.695  1.00 0.00 ? 3 DC C C4     1 
ATOM 441 N N4     . DC C 1 3 ? -2.322  -1.343  -2.005  1.00 0.00 ? 3 DC C N4     1 
ATOM 442 C C5     . DC C 1 3 ? -2.940  -2.810  -0.223  1.00 0.00 ? 3 DC C C5     1 
ATOM 443 C C6     . DC C 1 3 ? -2.996  -3.000  1.110   1.00 0.00 ? 3 DC C C6     1 
ATOM 444 H "H5'"  . DC C 1 3 ? -3.403  -6.357  4.534   1.00 0.00 ? 3 DC C "H5'"  1 
ATOM 445 H "H5''" . DC C 1 3 ? -3.151  -5.632  2.933   1.00 0.00 ? 3 DC C "H5''" 1 
ATOM 446 H "H4'"  . DC C 1 3 ? -2.376  -4.387  5.598   1.00 0.00 ? 3 DC C "H4'"  1 
ATOM 447 H "H3'"  . DC C 1 3 ? -4.835  -4.372  4.058   1.00 0.00 ? 3 DC C "H3'"  1 
ATOM 448 H "H2'"  . DC C 1 3 ? -4.723  -2.377  3.035   1.00 0.00 ? 3 DC C "H2'"  1 
ATOM 449 H "H2''" . DC C 1 3 ? -4.311  -1.587  4.582   1.00 0.00 ? 3 DC C "H2''" 1 
ATOM 450 H "H1'"  . DC C 1 3 ? -2.171  -1.371  3.929   1.00 0.00 ? 3 DC C "H1'"  1 
ATOM 451 H H41    . DC C 1 3 ? -1.933  -0.472  -2.341  1.00 0.00 ? 3 DC C H41    1 
ATOM 452 H H42    . DC C 1 3 ? -2.653  -2.036  -2.661  1.00 0.00 ? 3 DC C H42    1 
ATOM 453 H H5     . DC C 1 3 ? -3.300  -3.570  -0.916  1.00 0.00 ? 3 DC C H5     1 
ATOM 454 H H6     . DC C 1 3 ? -3.407  -3.930  1.505   1.00 0.00 ? 3 DC C H6     1 
ATOM 455 P P      . DC C 1 4 ? -6.176  -3.628  6.308   1.00 0.00 ? 4 DC C P      1 
ATOM 456 O OP1    . DC C 1 4 ? -6.382  -3.004  7.628   1.00 0.00 ? 4 DC C OP1    1 
ATOM 457 O OP2    . DC C 1 4 ? -6.629  -5.013  6.081   1.00 0.00 ? 4 DC C OP2    1 
ATOM 458 O "O5'"  . DC C 1 4 ? -6.854  -2.684  5.190   1.00 0.00 ? 4 DC C "O5'"  1 
ATOM 459 C "C5'"  . DC C 1 4 ? -8.184  -2.179  5.364   1.00 0.00 ? 4 DC C "C5'"  1 
ATOM 460 C "C4'"  . DC C 1 4 ? -8.175  -0.713  5.792   1.00 0.00 ? 4 DC C "C4'"  1 
ATOM 461 O "O4'"  . DC C 1 4 ? -7.349  0.069   4.910   1.00 0.00 ? 4 DC C "O4'"  1 
ATOM 462 C "C3'"  . DC C 1 4 ? -9.581  -0.125  5.773   1.00 0.00 ? 4 DC C "C3'"  1 
ATOM 463 O "O3'"  . DC C 1 4 ? -10.083 0.086   7.102   1.00 0.00 ? 4 DC C "O3'"  1 
ATOM 464 C "C2'"  . DC C 1 4 ? -9.474  1.168   5.012   1.00 0.00 ? 4 DC C "C2'"  1 
ATOM 465 C "C1'"  . DC C 1 4 ? -8.086  1.195   4.396   1.00 0.00 ? 4 DC C "C1'"  1 
ATOM 466 N N1     . DC C 1 4 ? -8.162  1.127   2.925   1.00 0.00 ? 4 DC C N1     1 
ATOM 467 C C2     . DC C 1 4 ? -7.417  2.037   2.188   1.00 0.00 ? 4 DC C C2     1 
ATOM 468 O O2     . DC C 1 4 ? -6.753  2.901   2.756   1.00 0.00 ? 4 DC C O2     1 
ATOM 469 N N3     . DC C 1 4 ? -7.460  1.951   0.830   1.00 0.00 ? 4 DC C N3     1 
ATOM 470 C C4     . DC C 1 4 ? -8.204  1.018   0.223   1.00 0.00 ? 4 DC C C4     1 
ATOM 471 N N4     . DC C 1 4 ? -8.216  0.952   -1.108  1.00 0.00 ? 4 DC C N4     1 
ATOM 472 C C5     . DC C 1 4 ? -8.977  0.086   0.983   1.00 0.00 ? 4 DC C C5     1 
ATOM 473 C C6     . DC C 1 4 ? -8.924  0.176   2.321   1.00 0.00 ? 4 DC C C6     1 
ATOM 474 H "H5'"  . DC C 1 4 ? -8.695  -2.769  6.125   1.00 0.00 ? 4 DC C "H5'"  1 
ATOM 475 H "H5''" . DC C 1 4 ? -8.723  -2.271  4.421   1.00 0.00 ? 4 DC C "H5''" 1 
ATOM 476 H "H4'"  . DC C 1 4 ? -7.774  -0.638  6.800   1.00 0.00 ? 4 DC C "H4'"  1 
ATOM 477 H "H3'"  . DC C 1 4 ? -10.244 -0.801  5.229   1.00 0.00 ? 4 DC C "H3'"  1 
ATOM 478 H "H2'"  . DC C 1 4 ? -10.232 1.205   4.231   1.00 0.00 ? 4 DC C "H2'"  1 
ATOM 479 H "H2''" . DC C 1 4 ? -9.598  2.012   5.690   1.00 0.00 ? 4 DC C "H2''" 1 
ATOM 480 H "H1'"  . DC C 1 4 ? -7.585  2.108   4.690   1.00 0.00 ? 4 DC C "H1'"  1 
ATOM 481 H H41    . DC C 1 4 ? -7.671  1.605   -1.652  1.00 0.00 ? 4 DC C H41    1 
ATOM 482 H H42    . DC C 1 4 ? -8.770  0.247   -1.573  1.00 0.00 ? 4 DC C H42    1 
ATOM 483 H H5     . DC C 1 4 ? -9.603  -0.658  0.496   1.00 0.00 ? 4 DC C H5     1 
ATOM 484 H H6     . DC C 1 4 ? -9.496  -0.520  2.931   1.00 0.00 ? 4 DC C H6     1 
ATOM 485 P P      . DA C 1 5 ? -9.315  1.033   8.161   1.00 0.00 ? 5 DA C P      1 
ATOM 486 O OP1    . DA C 1 5 ? -8.005  1.408   7.600   1.00 0.00 ? 5 DA C OP1    1 
ATOM 487 O OP2    . DA C 1 5 ? -9.373  0.389   9.483   1.00 0.00 ? 5 DA C OP2    1 
ATOM 488 O "O5'"  . DA C 1 5 ? -10.241 2.350   8.200   1.00 0.00 ? 5 DA C "O5'"  1 
ATOM 489 C "C5'"  . DA C 1 5 ? -9.880  3.456   9.031   1.00 0.00 ? 5 DA C "C5'"  1 
ATOM 490 C "C4'"  . DA C 1 5 ? -10.824 4.642   8.850   1.00 0.00 ? 5 DA C "C4'"  1 
ATOM 491 O "O4'"  . DA C 1 5 ? -10.924 5.021   7.463   1.00 0.00 ? 5 DA C "O4'"  1 
ATOM 492 C "C3'"  . DA C 1 5 ? -12.228 4.314   9.348   1.00 0.00 ? 5 DA C "C3'"  1 
ATOM 493 O "O3'"  . DA C 1 5 ? -12.538 5.016   10.567  1.00 0.00 ? 5 DA C "O3'"  1 
ATOM 494 C "C2'"  . DA C 1 5 ? -13.164 4.716   8.233   1.00 0.00 ? 5 DA C "C2'"  1 
ATOM 495 C "C1'"  . DA C 1 5 ? -12.297 5.292   7.123   1.00 0.00 ? 5 DA C "C1'"  1 
ATOM 496 N N9     . DA C 1 5 ? -12.635 4.727   5.800   1.00 0.00 ? 5 DA C N9     1 
ATOM 497 C C8     . DA C 1 5 ? -13.203 3.540   5.478   1.00 0.00 ? 5 DA C C8     1 
ATOM 498 N N7     . DA C 1 5 ? -13.401 3.292   4.227   1.00 0.00 ? 5 DA C N7     1 
ATOM 499 C C5     . DA C 1 5 ? -12.907 4.454   3.628   1.00 0.00 ? 5 DA C C5     1 
ATOM 500 C C6     . DA C 1 5 ? -12.809 4.864   2.295   1.00 0.00 ? 5 DA C C6     1 
ATOM 501 N N6     . DA C 1 5 ? -13.225 4.117   1.273   1.00 0.00 ? 5 DA C N6     1 
ATOM 502 N N1     . DA C 1 5 ? -12.271 6.074   2.057   1.00 0.00 ? 5 DA C N1     1 
ATOM 503 C C2     . DA C 1 5 ? -11.852 6.837   3.067   1.00 0.00 ? 5 DA C C2     1 
ATOM 504 N N3     . DA C 1 5 ? -11.896 6.548   4.363   1.00 0.00 ? 5 DA C N3     1 
ATOM 505 C C4     . DA C 1 5 ? -12.440 5.332   4.577   1.00 0.00 ? 5 DA C C4     1 
ATOM 506 H "H5'"  . DA C 1 5 ? -8.867  3.771   8.782   1.00 0.00 ? 5 DA C "H5'"  1 
ATOM 507 H "H5''" . DA C 1 5 ? -9.906  3.140   10.075  1.00 0.00 ? 5 DA C "H5''" 1 
ATOM 508 H "H4'"  . DA C 1 5 ? -10.434 5.486   9.413   1.00 0.00 ? 5 DA C "H4'"  1 
ATOM 509 H "H3'"  . DA C 1 5 ? -12.310 3.237   9.513   1.00 0.00 ? 5 DA C "H3'"  1 
ATOM 510 H "H2'"  . DA C 1 5 ? -13.710 3.844   7.874   1.00 0.00 ? 5 DA C "H2'"  1 
ATOM 511 H "H2''" . DA C 1 5 ? -13.864 5.471   8.589   1.00 0.00 ? 5 DA C "H2''" 1 
ATOM 512 H "H1'"  . DA C 1 5 ? -12.443 6.368   7.091   1.00 0.00 ? 5 DA C "H1'"  1 
ATOM 513 H H8     . DA C 1 5 ? -13.484 2.825   6.247   1.00 0.00 ? 5 DA C H8     1 
ATOM 514 H H61    . DA C 1 5 ? -13.131 4.456   0.326   1.00 0.00 ? 5 DA C H61    1 
ATOM 515 H H62    . DA C 1 5 ? -13.633 3.209   1.446   1.00 0.00 ? 5 DA C H62    1 
ATOM 516 H H2     . DA C 1 5 ? -11.432 7.809   2.800   1.00 0.00 ? 5 DA C H2     1 
ATOM 517 P P      . DA C 1 6 ? -12.298 6.609   10.730  1.00 0.00 ? 6 DA C P      1 
ATOM 518 O OP1    . DA C 1 6 ? -10.845 6.851   10.827  1.00 0.00 ? 6 DA C OP1    1 
ATOM 519 O OP2    . DA C 1 6 ? -13.186 7.099   11.800  1.00 0.00 ? 6 DA C OP2    1 
ATOM 520 O "O5'"  . DA C 1 6 ? -12.815 7.205   9.324   1.00 0.00 ? 6 DA C "O5'"  1 
ATOM 521 C "C5'"  . DA C 1 6 ? -13.948 8.079   9.265   1.00 0.00 ? 6 DA C "C5'"  1 
ATOM 522 C "C4'"  . DA C 1 6 ? -13.565 9.456   8.729   1.00 0.00 ? 6 DA C "C4'"  1 
ATOM 523 O "O4'"  . DA C 1 6 ? -12.894 9.341   7.455   1.00 0.00 ? 6 DA C "O4'"  1 
ATOM 524 C "C3'"  . DA C 1 6 ? -14.803 10.325  8.543   1.00 0.00 ? 6 DA C "C3'"  1 
ATOM 525 O "O3'"  . DA C 1 6 ? -14.747 11.477  9.389   1.00 0.00 ? 6 DA C "O3'"  1 
ATOM 526 C "C2'"  . DA C 1 6 ? -14.818 10.724  7.090   1.00 0.00 ? 6 DA C "C2'"  1 
ATOM 527 C "C1'"  . DA C 1 6 ? -13.590 10.103  6.446   1.00 0.00 ? 6 DA C "C1'"  1 
ATOM 528 N N9     . DA C 1 6 ? -13.970 9.247   5.309   1.00 0.00 ? 6 DA C N9     1 
ATOM 529 C C8     . DA C 1 6 ? -14.462 7.982   5.286   1.00 0.00 ? 6 DA C C8     1 
ATOM 530 N N7     . DA C 1 6 ? -14.710 7.462   4.129   1.00 0.00 ? 6 DA C N7     1 
ATOM 531 C C5     . DA C 1 6 ? -14.340 8.504   3.270   1.00 0.00 ? 6 DA C C5     1 
ATOM 532 C C6     . DA C 1 6 ? -14.341 8.633   1.876   1.00 0.00 ? 6 DA C C6     1 
ATOM 533 N N6     . DA C 1 6 ? -14.739 7.663   1.055   1.00 0.00 ? 6 DA C N6     1 
ATOM 534 N N1     . DA C 1 6 ? -13.909 9.800   1.363   1.00 0.00 ? 6 DA C N1     1 
ATOM 535 C C2     . DA C 1 6 ? -13.498 10.781  2.170   1.00 0.00 ? 6 DA C C2     1 
ATOM 536 N N3     . DA C 1 6 ? -13.455 10.762  3.494   1.00 0.00 ? 6 DA C N3     1 
ATOM 537 C C4     . DA C 1 6 ? -13.891 9.588   3.983   1.00 0.00 ? 6 DA C C4     1 
ATOM 538 H "H5'"  . DA C 1 6 ? -14.367 8.190   10.266  1.00 0.00 ? 6 DA C "H5'"  1 
ATOM 539 H "H5''" . DA C 1 6 ? -14.702 7.640   8.611   1.00 0.00 ? 6 DA C "H5''" 1 
ATOM 540 H "H4'"  . DA C 1 6 ? -12.896 9.940   9.440   1.00 0.00 ? 6 DA C "H4'"  1 
ATOM 541 H "H3'"  . DA C 1 6 ? -15.698 9.741   8.769   1.00 0.00 ? 6 DA C "H3'"  1 
ATOM 542 H "HO3'" . DA C 1 6 ? -14.737 11.165  10.296  1.00 0.00 ? 6 DA C "HO3'" 1 
ATOM 543 H "H2'"  . DA C 1 6 ? -15.721 10.348  6.611   1.00 0.00 ? 6 DA C "H2'"  1 
ATOM 544 H "H2''" . DA C 1 6 ? -14.774 11.809  7.003   1.00 0.00 ? 6 DA C "H2''" 1 
ATOM 545 H "H1'"  . DA C 1 6 ? -12.937 10.898  6.079   1.00 0.00 ? 6 DA C "H1'"  1 
ATOM 546 H H8     . DA C 1 6 ? -14.637 7.423   6.207   1.00 0.00 ? 6 DA C H8     1 
ATOM 547 H H61    . DA C 1 6 ? -14.718 7.807   0.057   1.00 0.00 ? 6 DA C H61    1 
ATOM 548 H H62    . DA C 1 6 ? -15.058 6.783   1.432   1.00 0.00 ? 6 DA C H62    1 
ATOM 549 H H2     . DA C 1 6 ? -13.160 11.697  1.693   1.00 0.00 ? 6 DA C H2     1 
ATOM 550 O "O5'"  . DC D 1 1 ? -12.917 0.946   -4.878  1.00 0.00 ? 1 DC D "O5'"  1 
ATOM 551 C "C5'"  . DC D 1 1 ? -12.217 0.826   -6.121  1.00 0.00 ? 1 DC D "C5'"  1 
ATOM 552 C "C4'"  . DC D 1 1 ? -11.039 1.797   -6.200  1.00 0.00 ? 1 DC D "C4'"  1 
ATOM 553 O "O4'"  . DC D 1 1 ? -11.198 2.869   -5.249  1.00 0.00 ? 1 DC D "O4'"  1 
ATOM 554 C "C3'"  . DC D 1 1 ? -9.723  1.097   -5.906  1.00 0.00 ? 1 DC D "C3'"  1 
ATOM 555 O "O3'"  . DC D 1 1 ? -8.951  0.920   -7.100  1.00 0.00 ? 1 DC D "O3'"  1 
ATOM 556 C "C2'"  . DC D 1 1 ? -9.007  1.975   -4.921  1.00 0.00 ? 1 DC D "C2'"  1 
ATOM 557 C "C1'"  . DC D 1 1 ? -10.023 2.987   -4.425  1.00 0.00 ? 1 DC D "C1'"  1 
ATOM 558 N N1     . DC D 1 1 ? -10.359 2.729   -3.008  1.00 0.00 ? 1 DC D N1     1 
ATOM 559 C C2     . DC D 1 1 ? -10.014 3.687   -2.062  1.00 0.00 ? 1 DC D C2     1 
ATOM 560 O O2     . DC D 1 1 ? -9.472  4.738   -2.404  1.00 0.00 ? 1 DC D O2     1 
ATOM 561 N N3     . DC D 1 1 ? -10.306 3.434   -0.757  1.00 0.00 ? 1 DC D N3     1 
ATOM 562 C C4     . DC D 1 1 ? -10.911 2.295   -0.392  1.00 0.00 ? 1 DC D C4     1 
ATOM 563 N N4     . DC D 1 1 ? -11.172 2.073   0.895   1.00 0.00 ? 1 DC D N4     1 
ATOM 564 C C5     . DC D 1 1 ? -11.273 1.311   -1.364  1.00 0.00 ? 1 DC D C5     1 
ATOM 565 C C6     . DC D 1 1 ? -10.980 1.567   -2.650  1.00 0.00 ? 1 DC D C6     1 
ATOM 566 H "H5'"  . DC D 1 1 ? -12.907 1.037   -6.938  1.00 0.00 ? 1 DC D "H5'"  1 
ATOM 567 H "H5''" . DC D 1 1 ? -11.847 -0.195  -6.224  1.00 0.00 ? 1 DC D "H5''" 1 
ATOM 568 H "H4'"  . DC D 1 1 ? -10.994 2.223   -7.199  1.00 0.00 ? 1 DC D "H4'"  1 
ATOM 569 H "H3'"  . DC D 1 1 ? -9.922  0.131   -5.442  1.00 0.00 ? 1 DC D "H3'"  1 
ATOM 570 H "H2'"  . DC D 1 1 ? -8.638  1.378   -4.092  1.00 0.00 ? 1 DC D "H2'"  1 
ATOM 571 H "H2''" . DC D 1 1 ? -8.178  2.487   -5.411  1.00 0.00 ? 1 DC D "H2''" 1 
ATOM 572 H "H1'"  . DC D 1 1 ? -9.614  3.987   -4.528  1.00 0.00 ? 1 DC D "H1'"  1 
ATOM 573 H H41    . DC D 1 1 ? -10.906 2.755   1.589   1.00 0.00 ? 1 DC D H41    1 
ATOM 574 H H42    . DC D 1 1 ? -11.624 1.215   1.176   1.00 0.00 ? 1 DC D H42    1 
ATOM 575 H H5     . DC D 1 1 ? -11.766 0.385   -1.073  1.00 0.00 ? 1 DC D H5     1 
ATOM 576 H H6     . DC D 1 1 ? -11.241 0.837   -3.416  1.00 0.00 ? 1 DC D H6     1 
ATOM 577 H "HO5'" . DC D 1 1 ? -12.895 1.871   -4.625  1.00 0.00 ? 1 DC D "HO5'" 1 
ATOM 578 P P      . DC D 1 2 ? -7.735  -0.139  -7.142  1.00 0.00 ? 2 DC D P      1 
ATOM 579 O OP1    . DC D 1 2 ? -7.481  -0.494  -8.555  1.00 0.00 ? 2 DC D OP1    1 
ATOM 580 O OP2    . DC D 1 2 ? -8.011  -1.204  -6.152  1.00 0.00 ? 2 DC D OP2    1 
ATOM 581 O "O5'"  . DC D 1 2 ? -6.491  0.732   -6.609  1.00 0.00 ? 2 DC D "O5'"  1 
ATOM 582 C "C5'"  . DC D 1 2 ? -6.086  1.917   -7.301  1.00 0.00 ? 2 DC D "C5'"  1 
ATOM 583 C "C4'"  . DC D 1 2 ? -4.896  2.587   -6.621  1.00 0.00 ? 2 DC D "C4'"  1 
ATOM 584 O "O4'"  . DC D 1 2 ? -5.161  2.817   -5.222  1.00 0.00 ? 2 DC D "O4'"  1 
ATOM 585 C "C3'"  . DC D 1 2 ? -3.649  1.724   -6.730  1.00 0.00 ? 2 DC D "C3'"  1 
ATOM 586 O "O3'"  . DC D 1 2 ? -2.722  2.280   -7.670  1.00 0.00 ? 2 DC D "O3'"  1 
ATOM 587 C "C2'"  . DC D 1 2 ? -3.054  1.683   -5.346  1.00 0.00 ? 2 DC D "C2'"  1 
ATOM 588 C "C1'"  . DC D 1 2 ? -4.034  2.395   -4.425  1.00 0.00 ? 2 DC D "C1'"  1 
ATOM 589 N N1     . DC D 1 2 ? -4.467  1.505   -3.328  1.00 0.00 ? 2 DC D N1     1 
ATOM 590 C C2     . DC D 1 2 ? -4.226  1.926   -2.026  1.00 0.00 ? 2 DC D C2     1 
ATOM 591 O O2     . DC D 1 2 ? -3.681  3.009   -1.814  1.00 0.00 ? 2 DC D O2     1 
ATOM 592 N N3     . DC D 1 2 ? -4.615  1.117   -1.006  1.00 0.00 ? 2 DC D N3     1 
ATOM 593 C C4     . DC D 1 2 ? -5.215  -0.055  -1.245  1.00 0.00 ? 2 DC D C4     1 
ATOM 594 N N4     . DC D 1 2 ? -5.578  -0.819  -0.215  1.00 0.00 ? 2 DC D N4     1 
ATOM 595 C C5     . DC D 1 2 ? -5.468  -0.495  -2.583  1.00 0.00 ? 2 DC D C5     1 
ATOM 596 C C6     . DC D 1 2 ? -5.079  0.313   -3.590  1.00 0.00 ? 2 DC D C6     1 
ATOM 597 H "H5'"  . DC D 1 2 ? -6.921  2.617   -7.326  1.00 0.00 ? 2 DC D "H5'"  1 
ATOM 598 H "H5''" . DC D 1 2 ? -5.811  1.655   -8.322  1.00 0.00 ? 2 DC D "H5''" 1 
ATOM 599 H "H4'"  . DC D 1 2 ? -4.707  3.545   -7.105  1.00 0.00 ? 2 DC D "H4'"  1 
ATOM 600 H "H3'"  . DC D 1 2 ? -3.930  0.713   -7.031  1.00 0.00 ? 2 DC D "H3'"  1 
ATOM 601 H "H2'"  . DC D 1 2 ? -2.924  0.650   -5.027  1.00 0.00 ? 2 DC D "H2'"  1 
ATOM 602 H "H2''" . DC D 1 2 ? -2.095  2.200   -5.338  1.00 0.00 ? 2 DC D "H2''" 1 
ATOM 603 H "H1'"  . DC D 1 2 ? -3.552  3.273   -4.000  1.00 0.00 ? 2 DC D "H1'"  1 
ATOM 604 H H41    . DC D 1 2 ? -5.398  -0.509  0.730   1.00 0.00 ? 2 DC D H41    1 
ATOM 605 H H42    . DC D 1 2 ? -6.030  -1.708  -0.378  1.00 0.00 ? 2 DC D H42    1 
ATOM 606 H H5     . DC D 1 2 ? -5.956  -1.449  -2.782  1.00 0.00 ? 2 DC D H5     1 
ATOM 607 H H6     . DC D 1 2 ? -5.252  0.011   -4.625  1.00 0.00 ? 2 DC D H6     1 
ATOM 608 P P      . DC D 1 3 ? -1.730  1.328   -8.512  1.00 0.00 ? 3 DC D P      1 
ATOM 609 O OP1    . DC D 1 3 ? -0.561  2.132   -8.926  1.00 0.00 ? 3 DC D OP1    1 
ATOM 610 O OP2    . DC D 1 3 ? -2.527  0.618   -9.534  1.00 0.00 ? 3 DC D OP2    1 
ATOM 611 O "O5'"  . DC D 1 3 ? -1.247  0.254   -7.411  1.00 0.00 ? 3 DC D "O5'"  1 
ATOM 612 C "C5'"  . DC D 1 3 ? 0.071   -0.304  -7.458  1.00 0.00 ? 3 DC D "C5'"  1 
ATOM 613 C "C4'"  . DC D 1 3 ? 1.086   0.593   -6.753  1.00 0.00 ? 3 DC D "C4'"  1 
ATOM 614 O "O4'"  . DC D 1 3 ? 0.714   0.791   -5.370  1.00 0.00 ? 3 DC D "O4'"  1 
ATOM 615 C "C3'"  . DC D 1 3 ? 2.476   -0.026  -6.792  1.00 0.00 ? 3 DC D "C3'"  1 
ATOM 616 O "O3'"  . DC D 1 3 ? 3.373   0.781   -7.567  1.00 0.00 ? 3 DC D "O3'"  1 
ATOM 617 C "C2'"  . DC D 1 3 ? 2.934   -0.111  -5.359  1.00 0.00 ? 3 DC D "C2'"  1 
ATOM 618 C "C1'"  . DC D 1 3 ? 1.802   0.425   -4.497  1.00 0.00 ? 3 DC D "C1'"  1 
ATOM 619 N N1     . DC D 1 3 ? 1.368   -0.588  -3.509  1.00 0.00 ? 3 DC D N1     1 
ATOM 620 C C2     . DC D 1 3 ? 1.511   -0.276  -2.162  1.00 0.00 ? 3 DC D C2     1 
ATOM 621 O O2     . DC D 1 3 ? 1.974   0.812   -1.823  1.00 0.00 ? 3 DC D O2     1 
ATOM 622 N N3     . DC D 1 3 ? 1.124   -1.201  -1.243  1.00 0.00 ? 3 DC D N3     1 
ATOM 623 C C4     . DC D 1 3 ? 0.620   -2.381  -1.621  1.00 0.00 ? 3 DC D C4     1 
ATOM 624 N N4     . DC D 1 3 ? 0.257   -3.263  -0.690  1.00 0.00 ? 3 DC D N4     1 
ATOM 625 C C5     . DC D 1 3 ? 0.470   -2.709  -3.005  1.00 0.00 ? 3 DC D C5     1 
ATOM 626 C C6     . DC D 1 3 ? 0.854   -1.789  -3.910  1.00 0.00 ? 3 DC D C6     1 
ATOM 627 H "H5'"  . DC D 1 3 ? 0.369   -0.428  -8.500  1.00 0.00 ? 3 DC D "H5'"  1 
ATOM 628 H "H5''" . DC D 1 3 ? 0.060   -1.280  -6.974  1.00 0.00 ? 3 DC D "H5''" 1 
ATOM 629 H "H4'"  . DC D 1 3 ? 1.112   1.560   -7.254  1.00 0.00 ? 3 DC D "H4'"  1 
ATOM 630 H "H3'"  . DC D 1 3 ? 2.419   -1.031  -7.215  1.00 0.00 ? 3 DC D "H3'"  1 
ATOM 631 H "H2'"  . DC D 1 3 ? 3.147   -1.147  -5.096  1.00 0.00 ? 3 DC D "H2'"  1 
ATOM 632 H "H2''" . DC D 1 3 ? 3.826   0.499   -5.221  1.00 0.00 ? 3 DC D "H2''" 1 
ATOM 633 H "H1'"  . DC D 1 3 ? 2.147   1.312   -3.967  1.00 0.00 ? 3 DC D "H1'"  1 
ATOM 634 H H41    . DC D 1 3 ? 0.362   -3.033  0.289   1.00 0.00 ? 3 DC D H41    1 
ATOM 635 H H42    . DC D 1 3 ? -0.122  -4.159  -0.962  1.00 0.00 ? 3 DC D H42    1 
ATOM 636 H H5     . DC D 1 3 ? 0.060   -3.670  -3.316  1.00 0.00 ? 3 DC D H5     1 
ATOM 637 H H6     . DC D 1 3 ? 0.753   -2.004  -4.973  1.00 0.00 ? 3 DC D H6     1 
ATOM 638 P P      . DC D 1 4 ? 4.607   0.115   -8.363  1.00 0.00 ? 4 DC D P      1 
ATOM 639 O OP1    . DC D 1 4 ? 5.570   1.181   -8.696  1.00 0.00 ? 4 DC D OP1    1 
ATOM 640 O OP2    . DC D 1 4 ? 4.061   -0.732  -9.440  1.00 0.00 ? 4 DC D OP2    1 
ATOM 641 O "O5'"  . DC D 1 4 ? 5.277   -0.845  -7.254  1.00 0.00 ? 4 DC D "O5'"  1 
ATOM 642 C "C5'"  . DC D 1 4 ? 6.612   -1.337  -7.419  1.00 0.00 ? 4 DC D "C5'"  1 
ATOM 643 C "C4'"  . DC D 1 4 ? 7.601   -0.571  -6.544  1.00 0.00 ? 4 DC D "C4'"  1 
ATOM 644 O "O4'"  . DC D 1 4 ? 7.145   -0.527  -5.178  1.00 0.00 ? 4 DC D "O4'"  1 
ATOM 645 C "C3'"  . DC D 1 4 ? 8.977   -1.230  -6.563  1.00 0.00 ? 4 DC D "C3'"  1 
ATOM 646 O "O3'"  . DC D 1 4 ? 9.924   -0.451  -7.313  1.00 0.00 ? 4 DC D "O3'"  1 
ATOM 647 C "C2'"  . DC D 1 4 ? 9.391   -1.360  -5.122  1.00 0.00 ? 4 DC D "C2'"  1 
ATOM 648 C "C1'"  . DC D 1 4 ? 8.171   -1.010  -4.288  1.00 0.00 ? 4 DC D "C1'"  1 
ATOM 649 N N1     . DC D 1 4 ? 7.686   -2.188  -3.546  1.00 0.00 ? 4 DC D N1     1 
ATOM 650 C C2     . DC D 1 4 ? 7.414   -2.043  -2.192  1.00 0.00 ? 4 DC D C2     1 
ATOM 651 O O2     . DC D 1 4 ? 7.619   -0.970  -1.629  1.00 0.00 ? 4 DC D O2     1 
ATOM 652 N N3     . DC D 1 4 ? 6.934   -3.122  -1.515  1.00 0.00 ? 4 DC D N3     1 
ATOM 653 C C4     . DC D 1 4 ? 6.736   -4.291  -2.138  1.00 0.00 ? 4 DC D C4     1 
ATOM 654 N N4     . DC D 1 4 ? 6.255   -5.328  -1.451  1.00 0.00 ? 4 DC D N4     1 
ATOM 655 C C5     . DC D 1 4 ? 7.024   -4.441  -3.529  1.00 0.00 ? 4 DC D C5     1 
ATOM 656 C C6     . DC D 1 4 ? 7.491   -3.371  -4.188  1.00 0.00 ? 4 DC D C6     1 
ATOM 657 H "H5'"  . DC D 1 4 ? 6.906   -1.233  -8.463  1.00 0.00 ? 4 DC D "H5'"  1 
ATOM 658 H "H5''" . DC D 1 4 ? 6.637   -2.392  -7.145  1.00 0.00 ? 4 DC D "H5''" 1 
ATOM 659 H "H4'"  . DC D 1 4 ? 7.691   0.447   -6.913  1.00 0.00 ? 4 DC D "H4'"  1 
ATOM 660 H "H3'"  . DC D 1 4 ? 8.891   -2.227  -6.997  1.00 0.00 ? 4 DC D "H3'"  1 
ATOM 661 H "H2'"  . DC D 1 4 ? 9.707   -2.380  -4.917  1.00 0.00 ? 4 DC D "H2'"  1 
ATOM 662 H "H2''" . DC D 1 4 ? 10.203  -0.668  -4.902  1.00 0.00 ? 4 DC D "H2''" 1 
ATOM 663 H "H1'"  . DC D 1 4 ? 8.430   -0.226  -3.591  1.00 0.00 ? 4 DC D "H1'"  1 
ATOM 664 H H41    . DC D 1 4 ? 6.047   -5.229  -0.468  1.00 0.00 ? 4 DC D H41    1 
ATOM 665 H H42    . DC D 1 4 ? 6.098   -6.210  -1.915  1.00 0.00 ? 4 DC D H42    1 
ATOM 666 H H5     . DC D 1 4 ? 6.889   -5.395  -4.034  1.00 0.00 ? 4 DC D H5     1 
ATOM 667 H H6     . DC D 1 4 ? 7.719   -3.448  -5.249  1.00 0.00 ? 4 DC D H6     1 
ATOM 668 P P      . DA D 1 5 ? 10.264  1.080   -6.927  1.00 0.00 ? 5 DA D P      1 
ATOM 669 O OP1    . DA D 1 5 ? 9.323   1.523   -5.877  1.00 0.00 ? 5 DA D OP1    1 
ATOM 670 O OP2    . DA D 1 5 ? 10.380  1.856   -8.178  1.00 0.00 ? 5 DA D OP2    1 
ATOM 671 O "O5'"  . DA D 1 5 ? 11.730  0.963   -6.269  1.00 0.00 ? 5 DA D "O5'"  1 
ATOM 672 C "C5'"  . DA D 1 5 ? 12.385  2.131   -5.767  1.00 0.00 ? 5 DA D "C5'"  1 
ATOM 673 C "C4'"  . DA D 1 5 ? 13.709  1.796   -5.087  1.00 0.00 ? 5 DA D "C4'"  1 
ATOM 674 O "O4'"  . DA D 1 5 ? 13.531  0.800   -4.061  1.00 0.00 ? 5 DA D "O4'"  1 
ATOM 675 C "C3'"  . DA D 1 5 ? 14.728  1.260   -6.088  1.00 0.00 ? 5 DA D "C3'"  1 
ATOM 676 O "O3'"  . DA D 1 5 ? 15.778  2.213   -6.340  1.00 0.00 ? 5 DA D "O3'"  1 
ATOM 677 C "C2'"  . DA D 1 5 ? 15.275  -0.008  -5.479  1.00 0.00 ? 5 DA D "C2'"  1 
ATOM 678 C "C1'"  . DA D 1 5 ? 14.589  -0.174  -4.130  1.00 0.00 ? 5 DA D "C1'"  1 
ATOM 679 N N9     . DA D 1 5 ? 14.063  -1.542  -3.936  1.00 0.00 ? 5 DA D N9     1 
ATOM 680 C C8     . DA D 1 5 ? 13.685  -2.467  -4.849  1.00 0.00 ? 5 DA D C8     1 
ATOM 681 N N7     . DA D 1 5 ? 13.263  -3.605  -4.407  1.00 0.00 ? 5 DA D N7     1 
ATOM 682 C C5     . DA D 1 5 ? 13.370  -3.427  -3.025  1.00 0.00 ? 5 DA D C5     1 
ATOM 683 C C6     . DA D 1 5 ? 13.084  -4.259  -1.939  1.00 0.00 ? 5 DA D C6     1 
ATOM 684 N N6     . DA D 1 5 ? 12.610  -5.497  -2.077  1.00 0.00 ? 5 DA D N6     1 
ATOM 685 N N1     . DA D 1 5 ? 13.306  -3.768  -0.707  1.00 0.00 ? 5 DA D N1     1 
ATOM 686 C C2     . DA D 1 5 ? 13.782  -2.532  -0.548  1.00 0.00 ? 5 DA D C2     1 
ATOM 687 N N3     . DA D 1 5 ? 14.087  -1.659  -1.505  1.00 0.00 ? 5 DA D N3     1 
ATOM 688 C C4     . DA D 1 5 ? 13.856  -2.175  -2.729  1.00 0.00 ? 5 DA D C4     1 
ATOM 689 H "H5'"  . DA D 1 5 ? 11.732  2.621   -5.045  1.00 0.00 ? 5 DA D "H5'"  1 
ATOM 690 H "H5''" . DA D 1 5 ? 12.575  2.814   -6.595  1.00 0.00 ? 5 DA D "H5''" 1 
ATOM 691 H "H4'"  . DA D 1 5 ? 14.102  2.699   -4.627  1.00 0.00 ? 5 DA D "H4'"  1 
ATOM 692 H "H3'"  . DA D 1 5 ? 14.218  1.018   -7.024  1.00 0.00 ? 5 DA D "H3'"  1 
ATOM 693 H "H2'"  . DA D 1 5 ? 15.052  -0.857  -6.124  1.00 0.00 ? 5 DA D "H2'"  1 
ATOM 694 H "H2''" . DA D 1 5 ? 16.352  0.080   -5.340  1.00 0.00 ? 5 DA D "H2''" 1 
ATOM 695 H "H1'"  . DA D 1 5 ? 15.310  0.036   -3.345  1.00 0.00 ? 5 DA D "H1'"  1 
ATOM 696 H H8     . DA D 1 5 ? 13.738  -2.261  -5.915  1.00 0.00 ? 5 DA D H8     1 
ATOM 697 H H61    . DA D 1 5 ? 12.416  -6.059  -1.261  1.00 0.00 ? 5 DA D H61    1 
ATOM 698 H H62    . DA D 1 5 ? 12.443  -5.872  -3.000  1.00 0.00 ? 5 DA D H62    1 
ATOM 699 H H2     . DA D 1 5 ? 13.945  -2.201  0.479   1.00 0.00 ? 5 DA D H2     1 
ATOM 700 P P      . DA D 1 6 ? 16.581  2.949   -5.143  1.00 0.00 ? 6 DA D P      1 
ATOM 701 O OP1    . DA D 1 6 ? 15.682  3.939   -4.522  1.00 0.00 ? 6 DA D OP1    1 
ATOM 702 O OP2    . DA D 1 6 ? 17.887  3.389   -5.671  1.00 0.00 ? 6 DA D OP2    1 
ATOM 703 O "O5'"  . DA D 1 6 ? 16.833  1.760   -4.084  1.00 0.00 ? 6 DA D "O5'"  1 
ATOM 704 C "C5'"  . DA D 1 6 ? 18.159  1.318   -3.773  1.00 0.00 ? 6 DA D "C5'"  1 
ATOM 705 C "C4'"  . DA D 1 6 ? 18.495  1.544   -2.301  1.00 0.00 ? 6 DA D "C4'"  1 
ATOM 706 O "O4'"  . DA D 1 6 ? 17.498  0.934   -1.451  1.00 0.00 ? 6 DA D "O4'"  1 
ATOM 707 C "C3'"  . DA D 1 6 ? 19.850  0.942   -1.959  1.00 0.00 ? 6 DA D "C3'"  1 
ATOM 708 O "O3'"  . DA D 1 6 ? 20.766  1.958   -1.538  1.00 0.00 ? 6 DA D "O3'"  1 
ATOM 709 C "C2'"  . DA D 1 6 ? 19.599  -0.049  -0.851  1.00 0.00 ? 6 DA D "C2'"  1 
ATOM 710 C "C1'"  . DA D 1 6 ? 18.112  -0.009  -0.547  1.00 0.00 ? 6 DA D "C1'"  1 
ATOM 711 N N9     . DA D 1 6 ? 17.510  -1.346  -0.690  1.00 0.00 ? 6 DA D N9     1 
ATOM 712 C C8     . DA D 1 6 ? 17.132  -2.025  -1.804  1.00 0.00 ? 6 DA D C8     1 
ATOM 713 N N7     . DA D 1 6 ? 16.620  -3.199  -1.637  1.00 0.00 ? 6 DA D N7     1 
ATOM 714 C C5     . DA D 1 6 ? 16.658  -3.326  -0.243  1.00 0.00 ? 6 DA D C5     1 
ATOM 715 C C6     . DA D 1 6 ? 16.262  -4.343  0.631   1.00 0.00 ? 6 DA D C6     1 
ATOM 716 N N6     . DA D 1 6 ? 15.715  -5.485  0.220   1.00 0.00 ? 6 DA D N6     1 
ATOM 717 N N1     . DA D 1 6 ? 16.446  -4.134  1.949   1.00 0.00 ? 6 DA D N1     1 
ATOM 718 C C2     . DA D 1 6 ? 16.985  -2.992  2.380   1.00 0.00 ? 6 DA D C2     1 
ATOM 719 N N3     . DA D 1 6 ? 17.391  -1.969  1.643   1.00 0.00 ? 6 DA D N3     1 
ATOM 720 C C4     . DA D 1 6 ? 17.198  -2.202  0.333   1.00 0.00 ? 6 DA D C4     1 
ATOM 721 H "H5'"  . DA D 1 6 ? 18.873  1.866   -4.388  1.00 0.00 ? 6 DA D "H5'"  1 
ATOM 722 H "H5''" . DA D 1 6 ? 18.241  0.255   -3.997  1.00 0.00 ? 6 DA D "H5''" 1 
ATOM 723 H "H4'"  . DA D 1 6 ? 18.521  2.615   -2.103  1.00 0.00 ? 6 DA D "H4'"  1 
ATOM 724 H "H3'"  . DA D 1 6 ? 20.249  0.418   -2.830  1.00 0.00 ? 6 DA D "H3'"  1 
ATOM 725 H "HO3'" . DA D 1 6 ? 20.885  2.559   -2.278  1.00 0.00 ? 6 DA D "HO3'" 1 
ATOM 726 H "H2'"  . DA D 1 6 ? 19.888  -1.049  -1.174  1.00 0.00 ? 6 DA D "H2'"  1 
ATOM 727 H "H2''" . DA D 1 6 ? 20.169  0.233   0.035   1.00 0.00 ? 6 DA D "H2''" 1 
ATOM 728 H "H1'"  . DA D 1 6 ? 17.966  0.329   0.483   1.00 0.00 ? 6 DA D "H1'"  1 
ATOM 729 H H8     . DA D 1 6 ? 17.249  -1.594  -2.799  1.00 0.00 ? 6 DA D H8     1 
ATOM 730 H H61    . DA D 1 6 ? 15.444  -6.187  0.893   1.00 0.00 ? 6 DA D H61    1 
ATOM 731 H H62    . DA D 1 6 ? 15.568  -5.647  -0.767  1.00 0.00 ? 6 DA D H62    1 
ATOM 732 H H2     . DA D 1 6 ? 17.103  -2.885  3.456   1.00 0.00 ? 6 DA D H2     1 
# 
